data_7Z90
#
_entry.id   7Z90
#
_cell.length_a   1.00
_cell.length_b   1.00
_cell.length_c   1.00
_cell.angle_alpha   90.00
_cell.angle_beta   90.00
_cell.angle_gamma   90.00
#
_symmetry.space_group_name_H-M   'P 1'
#
_entity_poly.entity_id   1
_entity_poly.type   'polypeptide(L)'
_entity_poly.pdbx_seq_one_letter_code
;MADIPNSDKIACGRKPMFCEIIKLANRKRLIFNTTDERVYDARLNYCSTADSTVQADCHIYWRLKLRRTDAVFEEYTGQG
YSLDTAAYPQQYTDIIRGYYSKHVSSSLAANTQHFVNVLAMLRHAGACIAHYCMTGKIDFDILSKKKHKNKEVVTLSNAD
SLSFLPHSALYLPSPLRASDPEIFNMLYLLGCACDASIAMDNISNTSGAAKYSMPHYNPLQLSHALHVTIFYMLSLMDSC
GYGDDAVLALTSGLHSVTTVIAHSDEGGITRDALRELSYTQPYGTMPVPIAGYFQHINVLFTTQPAWDQFAGIWDYVILA
TAALVHLSDPGMTVNDVTYPTTLTTKVATVDGRNSDLAAQMMHSATRFCDIFVENLSTFWGVVANPDGNASQALLHAFNI
VACAVEPNRHLEMNVMAPWYWVESSALFCDYAPFRSPISSAGYGPQCVYGARLVLAATNSLEFTGEAGDYSAYRFEWTTM
RHNPLFNILNKRVGDGLANVDFRLRPFNEWLLEGQPSRRSCNSAGHGTPTATCSHKTPNHDTLDEYIWGSTSCDLFHPAE
LTSYTAVCVRFRNYLSGADGDVRILNTPTREVIEGNVVTRCDGIRCLDSNKRIQHVPEVARRYCMMARYLAQARTFGALT
IGDDIIRGFDKVEKIVKMHKSNNRLDQMPLIDVTGLCQPMIETSTVRASTTTRIDPNKLAAATARVELPLAPRCTSSLIP
SSDTVPEPEPQVGEPGDNGGCAPDLGTGGGSGIEGRGSMDIGDPNSVQALARLQASSVDKLAAALE
;
_entity_poly.pdbx_strand_id   A,B
#
# COMPACT_ATOMS: atom_id res chain seq x y z
N GLY A 13 34.22 -8.38 -1.01
CA GLY A 13 32.79 -8.16 -1.00
C GLY A 13 32.21 -7.96 -2.38
N ARG A 14 30.94 -8.32 -2.58
CA ARG A 14 30.32 -8.11 -3.88
C ARG A 14 29.13 -7.16 -3.83
N LYS A 15 27.95 -7.67 -3.53
CA LYS A 15 26.73 -6.90 -3.67
C LYS A 15 26.19 -6.53 -2.30
N PRO A 16 26.09 -5.24 -1.98
CA PRO A 16 25.43 -4.82 -0.75
C PRO A 16 23.94 -4.57 -0.94
N MET A 17 23.21 -4.75 0.15
CA MET A 17 21.75 -4.67 0.14
C MET A 17 21.35 -3.21 0.14
N PHE A 18 20.83 -2.72 -0.99
CA PHE A 18 20.39 -1.35 -1.14
C PHE A 18 19.13 -1.32 -2.01
N CYS A 19 18.02 -1.81 -1.47
CA CYS A 19 16.75 -1.66 -2.17
C CYS A 19 16.29 -0.22 -2.03
N GLU A 20 15.93 0.37 -3.17
CA GLU A 20 15.42 1.78 -3.23
C GLU A 20 13.98 1.75 -2.71
N ILE A 21 13.82 1.28 -1.48
CA ILE A 21 12.49 1.11 -0.84
C ILE A 21 12.13 2.47 -0.25
N ILE A 22 13.09 3.07 0.46
CA ILE A 22 12.91 4.40 1.00
C ILE A 22 13.18 5.46 -0.06
N LYS A 23 14.00 5.14 -1.06
CA LYS A 23 14.22 6.10 -2.14
C LYS A 23 12.92 6.46 -2.84
N LEU A 24 12.00 5.51 -2.95
CA LEU A 24 10.79 5.76 -3.71
C LEU A 24 9.90 6.79 -3.02
N ALA A 25 9.85 6.77 -1.69
CA ALA A 25 9.13 7.80 -0.96
C ALA A 25 9.83 9.14 -1.16
N ASN A 26 9.09 10.13 -1.63
CA ASN A 26 9.67 11.43 -1.92
C ASN A 26 9.54 12.34 -0.70
N ARG A 27 10.67 12.84 -0.23
CA ARG A 27 10.72 13.71 0.94
C ARG A 27 10.50 15.16 0.51
N LYS A 28 9.75 15.90 1.33
CA LYS A 28 9.45 17.28 1.01
C LYS A 28 10.24 18.28 1.85
N ARG A 29 10.20 18.16 3.16
CA ARG A 29 10.80 19.15 4.03
C ARG A 29 12.22 18.76 4.41
N LEU A 30 13.04 19.78 4.68
CA LEU A 30 14.37 19.61 5.24
C LEU A 30 14.34 19.96 6.71
N ILE A 31 15.06 19.17 7.51
CA ILE A 31 15.08 19.33 8.95
C ILE A 31 16.24 20.22 9.34
N PHE A 32 15.95 21.31 10.04
CA PHE A 32 16.96 22.27 10.47
C PHE A 32 17.18 22.28 11.98
N ASN A 33 16.41 21.50 12.73
CA ASN A 33 16.46 21.54 14.18
C ASN A 33 16.05 20.17 14.72
N THR A 34 15.93 20.08 16.04
CA THR A 34 15.54 18.84 16.69
C THR A 34 14.08 18.82 17.13
N THR A 35 13.30 19.85 16.77
CA THR A 35 11.92 19.90 17.23
C THR A 35 10.99 19.08 16.36
N ASP A 36 11.28 18.96 15.06
CA ASP A 36 10.46 18.20 14.14
C ASP A 36 11.22 16.95 13.70
N GLU A 37 10.53 16.10 12.96
CA GLU A 37 11.10 14.80 12.60
C GLU A 37 10.39 14.29 11.36
N ARG A 38 11.13 13.53 10.56
CA ARG A 38 10.60 12.94 9.33
C ARG A 38 10.07 11.55 9.61
N VAL A 39 8.82 11.29 9.24
CA VAL A 39 8.17 10.04 9.58
C VAL A 39 7.94 9.26 8.30
N TYR A 40 8.56 8.10 8.19
CA TYR A 40 8.33 7.19 7.07
C TYR A 40 7.21 6.22 7.45
N ASP A 41 6.12 6.27 6.71
CA ASP A 41 4.94 5.45 6.97
C ASP A 41 4.93 4.28 6.00
N ALA A 42 4.65 3.10 6.53
CA ALA A 42 4.52 1.89 5.73
C ALA A 42 3.26 1.16 6.14
N ARG A 43 2.36 0.91 5.18
CA ARG A 43 1.15 0.17 5.45
C ARG A 43 1.36 -1.31 5.18
N LEU A 44 0.82 -2.13 6.06
CA LEU A 44 0.86 -3.58 5.92
C LEU A 44 -0.55 -4.11 5.93
N ASN A 45 -0.84 -5.04 5.02
CA ASN A 45 -2.16 -5.61 4.87
C ASN A 45 -2.14 -7.04 5.41
N TYR A 46 -2.97 -7.28 6.41
CA TYR A 46 -3.12 -8.58 7.05
C TYR A 46 -4.48 -9.14 6.69
N CYS A 47 -4.52 -10.38 6.22
CA CYS A 47 -5.80 -11.04 6.00
C CYS A 47 -5.64 -12.53 6.22
N SER A 48 -6.69 -13.17 6.70
CA SER A 48 -6.66 -14.61 6.92
C SER A 48 -6.82 -15.35 5.61
N THR A 49 -6.11 -16.48 5.49
CA THR A 49 -6.44 -17.39 4.39
C THR A 49 -7.77 -18.08 4.59
N ALA A 50 -8.37 -17.95 5.78
CA ALA A 50 -9.67 -18.58 6.02
C ALA A 50 -10.76 -17.83 5.29
N ASP A 51 -10.81 -16.52 5.47
CA ASP A 51 -11.78 -15.69 4.78
C ASP A 51 -11.22 -14.28 4.71
N SER A 52 -11.38 -13.65 3.55
CA SER A 52 -10.76 -12.36 3.31
C SER A 52 -11.49 -11.22 3.98
N THR A 53 -12.49 -11.50 4.82
CA THR A 53 -13.22 -10.42 5.47
C THR A 53 -12.40 -9.80 6.59
N VAL A 54 -11.78 -10.63 7.42
CA VAL A 54 -11.04 -10.17 8.57
C VAL A 54 -9.67 -9.68 8.13
N GLN A 55 -9.57 -8.38 7.85
CA GLN A 55 -8.33 -7.79 7.38
C GLN A 55 -8.03 -6.55 8.20
N ALA A 56 -6.81 -6.05 8.02
CA ALA A 56 -6.42 -4.82 8.69
C ALA A 56 -5.19 -4.24 8.03
N ASP A 57 -4.99 -2.95 8.27
CA ASP A 57 -3.87 -2.19 7.74
C ASP A 57 -3.09 -1.59 8.89
N CYS A 58 -1.85 -2.01 9.06
CA CYS A 58 -1.00 -1.56 10.16
C CYS A 58 0.01 -0.55 9.63
N HIS A 59 0.13 0.57 10.32
CA HIS A 59 1.00 1.67 9.89
C HIS A 59 2.27 1.68 10.71
N ILE A 60 3.31 1.01 10.22
CA ILE A 60 4.62 1.14 10.83
C ILE A 60 5.18 2.52 10.50
N TYR A 61 5.51 3.28 11.53
CA TYR A 61 6.21 4.55 11.36
C TYR A 61 7.65 4.39 11.78
N TRP A 62 8.55 5.03 11.03
CA TRP A 62 9.93 5.21 11.45
C TRP A 62 10.19 6.70 11.53
N ARG A 63 10.51 7.17 12.72
CA ARG A 63 10.70 8.59 12.97
C ARG A 63 12.19 8.90 13.06
N LEU A 64 12.66 9.79 12.20
CA LEU A 64 14.05 10.20 12.15
C LEU A 64 14.15 11.65 12.59
N LYS A 65 15.11 11.93 13.45
CA LYS A 65 15.29 13.26 14.02
C LYS A 65 16.76 13.64 13.88
N LEU A 66 17.00 14.94 13.75
CA LEU A 66 18.37 15.42 13.88
C LEU A 66 18.76 15.38 15.35
N ARG A 67 19.91 14.77 15.64
CA ARG A 67 20.36 14.68 17.03
C ARG A 67 20.54 16.07 17.63
N ARG A 68 21.45 16.85 17.07
CA ARG A 68 21.57 18.26 17.42
C ARG A 68 21.78 19.06 16.15
N THR A 69 21.47 20.35 16.23
CA THR A 69 21.56 21.22 15.04
C THR A 69 22.93 21.16 14.40
N ASP A 70 23.98 20.97 15.18
CA ASP A 70 25.33 20.84 14.65
C ASP A 70 25.95 19.53 15.10
N ALA A 71 25.18 18.45 14.98
CA ALA A 71 25.62 17.15 15.47
C ALA A 71 26.83 16.61 14.73
N VAL A 72 27.22 17.21 13.61
CA VAL A 72 28.47 16.82 12.98
C VAL A 72 29.65 17.55 13.60
N PHE A 73 29.50 18.85 13.84
CA PHE A 73 30.55 19.63 14.46
C PHE A 73 30.73 19.28 15.93
N GLU A 74 31.19 18.07 16.22
CA GLU A 74 31.45 17.66 17.59
C GLU A 74 32.96 17.56 17.79
N GLU A 75 33.40 17.96 18.98
CA GLU A 75 34.81 17.96 19.33
C GLU A 75 35.41 16.59 19.07
N TYR A 76 36.47 16.55 18.26
CA TYR A 76 37.13 15.29 17.93
C TYR A 76 38.28 15.09 18.90
N THR A 77 38.18 14.04 19.72
CA THR A 77 39.20 13.75 20.71
C THR A 77 40.30 12.86 20.19
N GLY A 78 40.06 12.12 19.11
CA GLY A 78 41.09 11.26 18.58
C GLY A 78 41.43 10.10 19.46
N GLN A 79 40.55 9.72 20.37
CA GLN A 79 40.81 8.64 21.31
C GLN A 79 39.72 7.58 21.20
N GLY A 80 40.08 6.37 21.60
CA GLY A 80 39.15 5.27 21.56
C GLY A 80 39.72 4.10 20.78
N TYR A 81 38.89 3.52 19.92
CA TYR A 81 39.37 2.40 19.10
C TYR A 81 40.49 2.87 18.17
N SER A 82 41.53 2.05 18.07
CA SER A 82 42.65 2.34 17.17
C SER A 82 43.06 1.03 16.51
N LEU A 83 42.62 0.84 15.27
CA LEU A 83 43.04 -0.33 14.50
C LEU A 83 44.42 -0.06 13.92
N ASP A 84 45.44 -0.70 14.48
CA ASP A 84 46.81 -0.51 14.02
C ASP A 84 47.36 -1.75 13.34
N THR A 85 46.49 -2.64 12.85
CA THR A 85 46.96 -3.90 12.31
C THR A 85 46.30 -4.26 10.99
N ALA A 86 45.71 -3.29 10.29
CA ALA A 86 45.08 -3.52 9.01
C ALA A 86 46.10 -3.19 7.91
N ALA A 87 46.79 -4.21 7.42
CA ALA A 87 47.72 -4.06 6.32
C ALA A 87 47.09 -4.58 5.04
N TYR A 88 47.55 -4.04 3.91
CA TYR A 88 46.95 -4.39 2.64
C TYR A 88 47.26 -5.83 2.28
N PRO A 89 46.43 -6.46 1.48
CA PRO A 89 46.78 -7.77 0.92
C PRO A 89 47.83 -7.65 -0.17
N GLN A 90 48.04 -8.73 -0.91
CA GLN A 90 49.16 -8.74 -1.86
C GLN A 90 48.94 -7.73 -2.98
N GLN A 91 47.80 -7.79 -3.66
CA GLN A 91 47.59 -6.95 -4.83
C GLN A 91 47.75 -5.48 -4.48
N TYR A 92 47.20 -5.06 -3.34
CA TYR A 92 47.30 -3.66 -2.98
C TYR A 92 48.71 -3.29 -2.56
N THR A 93 49.45 -4.22 -1.95
CA THR A 93 50.83 -3.92 -1.59
C THR A 93 51.70 -3.80 -2.83
N ASP A 94 51.39 -4.55 -3.88
CA ASP A 94 52.11 -4.39 -5.13
C ASP A 94 51.74 -3.09 -5.82
N ILE A 95 50.45 -2.74 -5.80
CA ILE A 95 50.03 -1.46 -6.37
C ILE A 95 50.65 -0.30 -5.60
N ILE A 96 50.98 -0.51 -4.33
CA ILE A 96 51.61 0.55 -3.55
C ILE A 96 52.99 0.87 -4.12
N ARG A 97 53.77 -0.16 -4.40
CA ARG A 97 54.92 0.04 -5.26
C ARG A 97 54.45 0.64 -6.57
N GLY A 98 55.12 1.71 -6.99
CA GLY A 98 54.62 2.57 -8.04
C GLY A 98 54.21 3.93 -7.55
N TYR A 99 54.15 4.14 -6.24
CA TYR A 99 54.07 5.47 -5.68
C TYR A 99 55.42 5.99 -5.23
N TYR A 100 56.41 5.12 -5.09
CA TYR A 100 57.79 5.53 -4.89
C TYR A 100 58.44 5.82 -6.23
N SER A 101 59.58 6.49 -6.20
CA SER A 101 60.34 6.68 -7.42
C SER A 101 60.71 5.33 -8.01
N LYS A 102 60.81 5.29 -9.34
CA LYS A 102 61.11 4.03 -10.02
C LYS A 102 62.31 3.34 -9.41
N HIS A 103 63.38 4.11 -9.12
CA HIS A 103 64.57 3.53 -8.51
C HIS A 103 64.24 2.83 -7.21
N VAL A 104 63.41 3.45 -6.36
CA VAL A 104 63.06 2.82 -5.10
C VAL A 104 62.05 1.70 -5.34
N SER A 105 61.09 1.92 -6.23
CA SER A 105 60.03 0.95 -6.42
C SER A 105 60.57 -0.36 -6.96
N SER A 106 61.65 -0.31 -7.73
CA SER A 106 62.19 -1.52 -8.33
C SER A 106 62.84 -2.43 -7.30
N SER A 107 63.53 -1.85 -6.33
CA SER A 107 64.29 -2.66 -5.38
C SER A 107 63.71 -2.57 -3.98
N LEU A 108 62.40 -2.72 -3.87
CA LEU A 108 61.74 -2.71 -2.57
C LEU A 108 61.33 -4.12 -2.18
N ALA A 109 61.34 -4.38 -0.87
CA ALA A 109 60.99 -5.70 -0.38
C ALA A 109 59.56 -6.06 -0.77
N ALA A 110 59.37 -7.31 -1.16
CA ALA A 110 58.06 -7.77 -1.61
C ALA A 110 57.07 -7.97 -0.48
N ASN A 111 57.56 -8.10 0.76
CA ASN A 111 56.72 -8.33 1.93
C ASN A 111 56.65 -7.11 2.84
N THR A 112 56.52 -5.93 2.25
CA THR A 112 56.41 -4.72 3.05
C THR A 112 54.99 -4.54 3.54
N GLN A 113 54.86 -3.85 4.67
CA GLN A 113 53.57 -3.62 5.29
C GLN A 113 53.13 -2.18 5.07
N HIS A 114 51.83 -1.98 4.86
CA HIS A 114 51.25 -0.65 4.77
C HIS A 114 49.97 -0.66 5.59
N PHE A 115 50.04 -0.15 6.81
CA PHE A 115 48.94 -0.26 7.75
C PHE A 115 47.92 0.85 7.55
N VAL A 116 46.65 0.45 7.46
CA VAL A 116 45.56 1.35 7.11
C VAL A 116 44.65 1.49 8.31
N ASN A 117 44.27 2.73 8.60
CA ASN A 117 43.27 3.02 9.63
C ASN A 117 42.50 4.26 9.16
N VAL A 118 41.41 4.03 8.45
CA VAL A 118 40.57 5.10 7.95
C VAL A 118 39.30 5.26 8.77
N LEU A 119 39.24 4.62 9.95
CA LEU A 119 37.97 4.45 10.63
C LEU A 119 37.37 5.78 11.06
N ALA A 120 38.17 6.65 11.66
CA ALA A 120 37.64 7.95 12.06
C ALA A 120 37.10 8.73 10.87
N MET A 121 37.80 8.65 9.74
CA MET A 121 37.29 9.30 8.53
C MET A 121 35.95 8.73 8.14
N LEU A 122 35.77 7.41 8.18
CA LEU A 122 34.47 6.87 7.79
C LEU A 122 33.39 7.24 8.78
N ARG A 123 33.71 7.35 10.07
CA ARG A 123 32.68 7.75 11.01
C ARG A 123 32.25 9.18 10.74
N HIS A 124 33.20 10.09 10.58
CA HIS A 124 32.81 11.46 10.29
C HIS A 124 32.13 11.58 8.93
N ALA A 125 32.50 10.74 7.98
CA ALA A 125 31.86 10.79 6.69
C ALA A 125 30.42 10.30 6.75
N GLY A 126 30.16 9.22 7.49
CA GLY A 126 28.79 8.82 7.73
C GLY A 126 27.99 9.90 8.43
N ALA A 127 28.61 10.55 9.42
CA ALA A 127 27.95 11.66 10.08
C ALA A 127 27.58 12.75 9.07
N CYS A 128 28.49 13.07 8.17
CA CYS A 128 28.20 14.09 7.17
C CYS A 128 27.09 13.64 6.24
N ILE A 129 27.09 12.35 5.87
CA ILE A 129 26.05 11.84 5.00
C ILE A 129 24.68 12.02 5.62
N ALA A 130 24.52 11.56 6.87
CA ALA A 130 23.20 11.64 7.46
C ALA A 130 22.82 13.08 7.80
N HIS A 131 23.80 13.92 8.14
CA HIS A 131 23.50 15.34 8.33
C HIS A 131 23.00 15.96 7.04
N TYR A 132 23.56 15.54 5.91
CA TYR A 132 23.06 16.00 4.62
C TYR A 132 21.67 15.45 4.34
N CYS A 133 21.40 14.22 4.78
CA CYS A 133 20.09 13.63 4.53
C CYS A 133 19.00 14.28 5.35
N MET A 134 19.36 14.84 6.51
CA MET A 134 18.38 15.56 7.32
C MET A 134 18.24 17.00 6.88
N THR A 135 19.35 17.73 6.87
CA THR A 135 19.31 19.16 6.60
C THR A 135 19.43 19.51 5.13
N GLY A 136 20.12 18.69 4.35
CA GLY A 136 20.27 18.98 2.94
C GLY A 136 21.40 19.93 2.62
N LYS A 137 22.15 20.39 3.62
CA LYS A 137 23.31 21.23 3.38
C LYS A 137 24.58 20.41 3.56
N ILE A 138 25.51 20.57 2.63
CA ILE A 138 26.82 19.94 2.73
C ILE A 138 27.81 20.83 1.98
N ASP A 139 28.97 21.05 2.58
CA ASP A 139 30.01 21.84 1.95
C ASP A 139 31.35 21.50 2.57
N PHE A 140 32.39 22.20 2.13
CA PHE A 140 33.71 21.97 2.69
C PHE A 140 33.77 22.33 4.15
N ASP A 141 33.03 23.35 4.58
CA ASP A 141 32.99 23.71 5.98
C ASP A 141 32.49 22.55 6.83
N ILE A 142 31.40 21.93 6.41
CA ILE A 142 30.86 20.77 7.13
C ILE A 142 31.84 19.62 7.07
N LEU A 143 32.33 19.29 5.88
CA LEU A 143 33.15 18.11 5.70
C LEU A 143 34.52 18.23 6.37
N SER A 144 34.96 19.43 6.69
CA SER A 144 36.25 19.63 7.31
C SER A 144 36.15 20.10 8.74
N LYS A 145 34.94 20.22 9.29
CA LYS A 145 34.76 20.72 10.65
C LYS A 145 35.46 22.06 10.82
N LYS A 146 35.32 22.91 9.81
CA LYS A 146 35.93 24.24 9.81
C LYS A 146 37.44 24.18 9.93
N LYS A 147 38.07 23.26 9.20
CA LYS A 147 39.53 23.13 9.24
C LYS A 147 40.20 23.18 7.88
N HIS A 148 39.51 22.92 6.78
CA HIS A 148 40.14 22.93 5.47
C HIS A 148 40.72 24.29 5.12
N LYS A 149 40.43 25.33 5.91
CA LYS A 149 40.84 26.68 5.57
C LYS A 149 42.36 26.81 5.65
N ASN A 150 42.95 26.37 6.75
CA ASN A 150 44.39 26.55 6.97
C ASN A 150 45.04 25.25 7.41
N LYS A 151 44.82 24.20 6.63
CA LYS A 151 45.46 22.91 6.86
C LYS A 151 46.75 22.85 6.03
N GLU A 152 47.89 22.96 6.69
CA GLU A 152 49.17 22.83 6.00
C GLU A 152 49.51 21.36 5.82
N VAL A 153 49.92 21.01 4.60
CA VAL A 153 50.15 19.62 4.20
C VAL A 153 51.59 19.46 3.77
N VAL A 154 52.24 18.42 4.29
CA VAL A 154 53.61 18.12 3.87
C VAL A 154 53.59 17.68 2.41
N THR A 155 54.59 18.13 1.66
CA THR A 155 54.61 17.95 0.21
C THR A 155 55.81 17.11 -0.21
N LEU A 156 55.82 15.86 0.24
CA LEU A 156 56.87 14.96 -0.19
C LEU A 156 56.64 14.54 -1.63
N SER A 157 57.73 14.34 -2.35
CA SER A 157 57.67 13.95 -3.75
C SER A 157 57.94 12.45 -3.85
N ASN A 158 57.09 11.76 -4.61
CA ASN A 158 57.33 10.37 -4.99
C ASN A 158 57.30 9.42 -3.81
N ALA A 159 56.58 9.77 -2.75
CA ALA A 159 56.38 8.93 -1.57
C ALA A 159 57.66 8.13 -1.29
N ASP A 160 58.83 8.76 -1.39
CA ASP A 160 60.05 8.09 -0.96
C ASP A 160 60.32 8.73 0.40
N SER A 161 60.02 10.01 0.54
CA SER A 161 60.09 10.79 1.76
C SER A 161 59.00 10.46 2.73
N LEU A 162 58.21 9.42 2.48
CA LEU A 162 57.14 9.08 3.41
C LEU A 162 57.69 8.59 4.74
N SER A 163 58.79 7.83 4.71
CA SER A 163 59.47 7.50 5.95
C SER A 163 60.20 8.69 6.55
N PHE A 164 60.30 9.80 5.83
CA PHE A 164 60.93 11.01 6.34
C PHE A 164 60.08 11.73 7.37
N LEU A 165 58.82 11.36 7.50
CA LEU A 165 57.97 12.06 8.45
C LEU A 165 58.15 11.47 9.85
N PRO A 166 58.15 12.32 10.87
CA PRO A 166 58.43 11.84 12.23
C PRO A 166 57.30 11.03 12.81
N HIS A 167 56.31 10.69 12.00
CA HIS A 167 55.17 9.90 12.45
C HIS A 167 54.44 9.36 11.24
N SER A 168 53.47 8.49 11.51
CA SER A 168 52.63 7.96 10.45
C SER A 168 51.71 9.05 9.92
N ALA A 169 51.54 9.10 8.60
CA ALA A 169 50.74 10.14 7.98
C ALA A 169 49.83 9.52 6.93
N LEU A 170 48.67 10.16 6.75
CA LEU A 170 47.72 9.78 5.72
C LEU A 170 48.23 10.29 4.37
N TYR A 171 48.67 9.38 3.53
CA TYR A 171 49.32 9.75 2.27
C TYR A 171 48.35 9.59 1.11
N LEU A 172 48.25 10.63 0.28
CA LEU A 172 47.36 10.63 -0.88
C LEU A 172 48.19 10.71 -2.14
N PRO A 173 48.41 9.60 -2.84
CA PRO A 173 49.31 9.62 -3.99
C PRO A 173 48.72 10.37 -5.17
N SER A 174 49.59 10.68 -6.12
CA SER A 174 49.19 11.39 -7.32
C SER A 174 48.41 10.52 -8.29
N PRO A 175 48.70 9.22 -8.43
CA PRO A 175 47.82 8.37 -9.24
C PRO A 175 46.38 8.42 -8.80
N LEU A 176 46.11 8.55 -7.51
CA LEU A 176 44.73 8.65 -7.06
C LEU A 176 44.11 9.96 -7.50
N ARG A 177 44.83 11.07 -7.36
CA ARG A 177 44.30 12.35 -7.79
C ARG A 177 44.07 12.37 -9.29
N ALA A 178 44.89 11.65 -10.05
CA ALA A 178 44.70 11.60 -11.49
C ALA A 178 43.55 10.70 -11.88
N SER A 179 43.35 9.60 -11.16
CA SER A 179 42.29 8.66 -11.53
C SER A 179 40.92 9.23 -11.17
N ASP A 180 40.70 9.54 -9.90
CA ASP A 180 39.40 10.01 -9.43
C ASP A 180 39.61 11.26 -8.59
N PRO A 181 39.66 12.43 -9.22
CA PRO A 181 39.94 13.67 -8.47
C PRO A 181 38.99 13.90 -7.32
N GLU A 182 37.72 13.50 -7.46
CA GLU A 182 36.75 13.73 -6.40
C GLU A 182 37.05 12.87 -5.18
N ILE A 183 37.44 11.61 -5.40
CA ILE A 183 37.81 10.76 -4.28
C ILE A 183 38.98 11.35 -3.53
N PHE A 184 39.98 11.83 -4.26
CA PHE A 184 41.15 12.44 -3.65
C PHE A 184 40.78 13.69 -2.86
N ASN A 185 39.94 14.55 -3.45
CA ASN A 185 39.54 15.77 -2.75
C ASN A 185 38.73 15.46 -1.50
N MET A 186 37.85 14.48 -1.58
CA MET A 186 37.04 14.13 -0.42
C MET A 186 37.89 13.52 0.68
N LEU A 187 38.86 12.69 0.31
CA LEU A 187 39.77 12.16 1.32
C LEU A 187 40.57 13.26 1.97
N TYR A 188 41.01 14.25 1.18
CA TYR A 188 41.68 15.40 1.77
C TYR A 188 40.78 16.08 2.78
N LEU A 189 39.52 16.31 2.39
CA LEU A 189 38.58 16.99 3.28
C LEU A 189 38.41 16.22 4.58
N LEU A 190 38.22 14.91 4.48
CA LEU A 190 37.95 14.10 5.66
C LEU A 190 39.16 14.01 6.56
N GLY A 191 40.31 13.61 6.00
CA GLY A 191 41.55 13.62 6.76
C GLY A 191 41.88 14.98 7.34
N CYS A 192 41.32 16.05 6.77
CA CYS A 192 41.46 17.34 7.42
C CYS A 192 40.49 17.51 8.58
N ALA A 193 39.33 16.87 8.49
CA ALA A 193 38.33 17.01 9.55
C ALA A 193 38.86 16.45 10.86
N CYS A 194 39.14 15.15 10.88
CA CYS A 194 39.79 14.55 12.03
C CYS A 194 41.28 14.77 11.93
N ASP A 195 41.88 15.24 13.02
CA ASP A 195 43.30 15.59 13.04
C ASP A 195 44.12 14.49 12.38
N ALA A 196 44.74 14.81 11.25
CA ALA A 196 45.47 13.78 10.50
C ALA A 196 46.46 14.46 9.57
N SER A 197 47.74 14.14 9.74
CA SER A 197 48.76 14.65 8.85
C SER A 197 48.57 14.06 7.45
N ILE A 198 48.43 14.93 6.47
CA ILE A 198 48.22 14.54 5.08
C ILE A 198 49.52 14.69 4.33
N ALA A 199 49.75 13.81 3.35
CA ALA A 199 50.94 13.88 2.52
C ALA A 199 50.52 13.77 1.06
N MET A 200 50.85 14.80 0.28
CA MET A 200 50.49 14.85 -1.13
C MET A 200 51.75 15.08 -1.96
N ASP A 201 51.67 14.70 -3.23
CA ASP A 201 52.86 14.76 -4.08
C ASP A 201 53.14 16.17 -4.56
N ASN A 202 52.15 16.86 -5.13
CA ASN A 202 52.25 18.28 -5.44
C ASN A 202 51.33 19.06 -4.52
N ILE A 203 51.93 19.85 -3.62
CA ILE A 203 51.17 20.52 -2.57
C ILE A 203 50.09 21.43 -3.14
N SER A 204 50.44 22.24 -4.13
CA SER A 204 49.52 23.21 -4.67
C SER A 204 49.66 23.26 -6.18
N ASN A 205 48.52 23.33 -6.86
CA ASN A 205 48.50 23.39 -8.30
C ASN A 205 49.35 24.54 -8.83
N THR A 206 49.42 25.63 -8.08
CA THR A 206 50.29 26.76 -8.39
C THR A 206 51.56 26.64 -7.53
N SER A 207 52.65 26.20 -8.16
CA SER A 207 53.88 25.98 -7.41
C SER A 207 54.28 27.24 -6.67
N GLY A 208 54.46 27.12 -5.36
CA GLY A 208 54.79 28.25 -4.51
C GLY A 208 53.83 28.47 -3.36
N ALA A 209 52.66 27.85 -3.39
CA ALA A 209 51.67 28.01 -2.32
C ALA A 209 51.70 26.81 -1.40
N ALA A 210 51.66 27.08 -0.09
CA ALA A 210 51.76 26.04 0.93
C ALA A 210 50.42 25.40 1.27
N LYS A 211 49.32 25.79 0.63
CA LYS A 211 48.01 25.23 0.91
C LYS A 211 47.38 24.71 -0.37
N TYR A 212 46.85 23.49 -0.31
CA TYR A 212 46.18 22.87 -1.44
C TYR A 212 44.79 23.47 -1.59
N SER A 213 44.56 24.15 -2.70
CA SER A 213 43.27 24.79 -2.92
C SER A 213 42.28 23.82 -3.57
N MET A 214 41.02 24.04 -3.31
CA MET A 214 39.92 23.17 -3.72
C MET A 214 39.33 23.63 -5.04
N PRO A 215 39.13 22.72 -5.98
CA PRO A 215 38.20 22.98 -7.07
C PRO A 215 36.79 22.96 -6.51
N HIS A 216 36.27 24.12 -6.07
CA HIS A 216 34.97 24.17 -5.44
C HIS A 216 33.94 23.43 -6.27
N TYR A 217 33.09 22.67 -5.60
CA TYR A 217 32.11 21.83 -6.26
C TYR A 217 30.70 22.35 -6.00
N ASN A 218 29.76 21.79 -6.73
CA ASN A 218 28.36 21.94 -6.38
C ASN A 218 27.98 20.87 -5.36
N PRO A 219 27.07 21.19 -4.44
CA PRO A 219 26.72 20.21 -3.40
C PRO A 219 26.28 18.87 -3.94
N LEU A 220 25.74 18.83 -5.16
CA LEU A 220 25.21 17.57 -5.68
C LEU A 220 26.35 16.59 -5.95
N GLN A 221 27.30 16.97 -6.79
CA GLN A 221 28.43 16.08 -7.01
C GLN A 221 29.35 16.04 -5.80
N LEU A 222 29.27 17.04 -4.92
CA LEU A 222 29.97 16.94 -3.64
C LEU A 222 29.49 15.72 -2.86
N SER A 223 28.18 15.60 -2.68
CA SER A 223 27.63 14.45 -1.99
C SER A 223 27.82 13.17 -2.79
N HIS A 224 27.81 13.26 -4.12
CA HIS A 224 28.14 12.08 -4.91
C HIS A 224 29.55 11.60 -4.61
N ALA A 225 30.50 12.53 -4.49
CA ALA A 225 31.87 12.16 -4.17
C ALA A 225 31.96 11.62 -2.76
N LEU A 226 31.18 12.17 -1.83
CA LEU A 226 31.14 11.62 -0.48
C LEU A 226 30.69 10.16 -0.50
N HIS A 227 29.63 9.88 -1.23
CA HIS A 227 29.17 8.51 -1.42
C HIS A 227 30.28 7.62 -1.98
N VAL A 228 30.89 8.07 -3.08
CA VAL A 228 31.86 7.22 -3.75
C VAL A 228 33.08 7.00 -2.86
N THR A 229 33.39 7.95 -1.98
CA THR A 229 34.54 7.77 -1.10
C THR A 229 34.18 6.82 0.04
N ILE A 230 32.94 6.86 0.50
CA ILE A 230 32.52 5.90 1.50
C ILE A 230 32.72 4.49 0.96
N PHE A 231 32.28 4.28 -0.27
CA PHE A 231 32.45 2.94 -0.84
C PHE A 231 33.91 2.63 -1.10
N TYR A 232 34.70 3.61 -1.52
CA TYR A 232 36.13 3.38 -1.73
C TYR A 232 36.80 2.93 -0.46
N MET A 233 36.61 3.68 0.62
CA MET A 233 37.24 3.34 1.89
C MET A 233 36.73 2.02 2.43
N LEU A 234 35.44 1.73 2.25
CA LEU A 234 34.93 0.43 2.67
C LEU A 234 35.66 -0.68 1.94
N SER A 235 35.82 -0.56 0.62
CA SER A 235 36.55 -1.56 -0.15
C SER A 235 38.00 -1.64 0.32
N LEU A 236 38.59 -0.50 0.63
CA LEU A 236 39.96 -0.48 1.09
C LEU A 236 40.14 -1.30 2.35
N MET A 237 39.34 -1.00 3.37
CA MET A 237 39.45 -1.74 4.63
C MET A 237 39.08 -3.20 4.44
N ASP A 238 38.10 -3.49 3.58
CA ASP A 238 37.70 -4.87 3.38
C ASP A 238 38.83 -5.68 2.75
N SER A 239 39.61 -5.05 1.87
CA SER A 239 40.76 -5.74 1.32
C SER A 239 41.69 -6.25 2.41
N CYS A 240 41.70 -5.58 3.56
CA CYS A 240 42.53 -6.02 4.67
C CYS A 240 41.86 -7.12 5.48
N GLY A 241 40.55 -7.28 5.37
CA GLY A 241 39.79 -8.15 6.23
C GLY A 241 39.04 -7.46 7.34
N TYR A 242 39.40 -6.22 7.67
CA TYR A 242 38.68 -5.44 8.66
C TYR A 242 37.56 -4.63 8.04
N GLY A 243 36.77 -5.29 7.18
CA GLY A 243 35.63 -4.61 6.60
C GLY A 243 34.52 -4.38 7.60
N ASP A 244 34.11 -5.45 8.30
CA ASP A 244 33.08 -5.33 9.32
C ASP A 244 33.36 -4.19 10.26
N ASP A 245 34.62 -3.99 10.61
CA ASP A 245 34.98 -2.91 11.53
C ASP A 245 34.78 -1.56 10.86
N ALA A 246 35.15 -1.46 9.59
CA ALA A 246 34.96 -0.20 8.87
C ALA A 246 33.49 0.17 8.79
N VAL A 247 32.65 -0.79 8.40
CA VAL A 247 31.23 -0.49 8.29
C VAL A 247 30.62 -0.21 9.66
N LEU A 248 31.12 -0.87 10.70
CA LEU A 248 30.68 -0.51 12.05
C LEU A 248 30.98 0.95 12.32
N ALA A 249 32.17 1.42 11.97
CA ALA A 249 32.50 2.83 12.15
C ALA A 249 31.56 3.72 11.35
N LEU A 250 31.26 3.32 10.12
CA LEU A 250 30.38 4.10 9.26
C LEU A 250 29.02 4.28 9.89
N THR A 251 28.39 3.17 10.28
CA THR A 251 27.09 3.26 10.92
C THR A 251 27.16 3.99 12.24
N SER A 252 28.31 3.91 12.92
CA SER A 252 28.49 4.69 14.13
C SER A 252 28.33 6.17 13.83
N GLY A 253 29.00 6.65 12.79
CA GLY A 253 28.83 8.05 12.42
C GLY A 253 27.40 8.37 12.04
N LEU A 254 26.82 7.54 11.17
CA LEU A 254 25.43 7.72 10.75
C LEU A 254 24.53 7.98 11.94
N HIS A 255 24.48 7.03 12.86
CA HIS A 255 23.62 7.19 14.02
C HIS A 255 24.23 8.12 15.06
N SER A 256 25.43 8.64 14.81
CA SER A 256 26.02 9.65 15.67
C SER A 256 25.54 11.04 15.34
N VAL A 257 25.05 11.25 14.12
CA VAL A 257 24.49 12.55 13.76
C VAL A 257 22.97 12.54 13.69
N THR A 258 22.33 11.41 13.45
CA THR A 258 20.87 11.34 13.46
C THR A 258 20.38 10.39 14.54
N THR A 259 19.16 10.64 15.00
CA THR A 259 18.53 9.85 16.05
C THR A 259 17.27 9.24 15.46
N VAL A 260 17.27 7.92 15.29
CA VAL A 260 16.11 7.20 14.77
C VAL A 260 15.29 6.80 15.99
N ILE A 261 14.35 7.66 16.40
CA ILE A 261 13.74 7.47 17.69
C ILE A 261 12.95 6.16 17.69
N ALA A 262 13.11 5.40 18.77
CA ALA A 262 12.82 3.98 18.77
C ALA A 262 11.34 3.69 18.90
N HIS A 263 11.01 2.40 18.87
CA HIS A 263 9.66 1.90 19.05
C HIS A 263 9.43 1.37 20.45
N SER A 264 10.29 1.73 21.40
CA SER A 264 10.11 1.34 22.79
C SER A 264 10.90 2.28 23.67
N ASP A 265 10.42 2.46 24.90
CA ASP A 265 11.18 3.26 25.87
C ASP A 265 12.56 2.68 26.08
N GLU A 266 12.67 1.36 26.11
CA GLU A 266 13.96 0.72 26.31
C GLU A 266 14.84 0.91 25.08
N GLY A 267 14.34 0.52 23.91
CA GLY A 267 15.10 0.55 22.69
C GLY A 267 15.81 1.86 22.47
N GLY A 268 17.01 1.78 21.92
CA GLY A 268 17.89 2.92 21.85
C GLY A 268 19.07 2.82 22.77
N ILE A 269 19.19 1.72 23.52
CA ILE A 269 20.45 1.41 24.17
C ILE A 269 21.53 1.25 23.13
N THR A 270 21.24 0.53 22.05
CA THR A 270 22.20 0.38 20.97
C THR A 270 22.50 1.72 20.32
N ARG A 271 21.53 2.63 20.30
CA ARG A 271 21.82 4.00 19.85
C ARG A 271 22.91 4.62 20.69
N ASP A 272 22.75 4.56 22.02
CA ASP A 272 23.76 5.12 22.91
C ASP A 272 25.08 4.37 22.77
N ALA A 273 25.03 3.09 22.41
CA ALA A 273 26.27 2.36 22.18
C ALA A 273 26.99 2.90 20.96
N LEU A 274 26.27 3.07 19.86
CA LEU A 274 26.90 3.57 18.64
C LEU A 274 27.34 5.01 18.80
N ARG A 275 26.68 5.78 19.66
CA ARG A 275 27.14 7.14 19.93
C ARG A 275 28.54 7.14 20.51
N GLU A 276 28.76 6.35 21.58
CA GLU A 276 30.01 6.37 22.31
C GLU A 276 31.13 5.62 21.62
N LEU A 277 30.94 5.22 20.37
CA LEU A 277 31.93 4.42 19.65
C LEU A 277 32.76 5.35 18.79
N SER A 278 33.95 5.70 19.26
CA SER A 278 34.80 6.65 18.58
C SER A 278 36.08 5.96 18.08
N TYR A 279 36.83 6.70 17.27
CA TYR A 279 38.01 6.16 16.63
C TYR A 279 39.15 7.17 16.70
N THR A 280 40.37 6.67 16.59
CA THR A 280 41.55 7.50 16.71
C THR A 280 41.97 8.05 15.35
N GLN A 281 43.00 8.88 15.38
CA GLN A 281 43.43 9.59 14.19
C GLN A 281 43.73 8.62 13.06
N PRO A 282 43.31 8.93 11.84
CA PRO A 282 43.56 8.02 10.71
C PRO A 282 44.96 8.19 10.15
N TYR A 283 45.35 7.20 9.35
CA TYR A 283 46.63 7.19 8.68
C TYR A 283 46.59 6.12 7.59
N GLY A 284 47.69 5.97 6.88
CA GLY A 284 47.83 4.95 5.86
C GLY A 284 48.07 5.55 4.50
N THR A 285 48.19 4.66 3.52
CA THR A 285 48.38 5.04 2.13
C THR A 285 47.15 4.61 1.34
N MET A 286 46.64 5.50 0.50
CA MET A 286 45.39 5.25 -0.20
C MET A 286 45.67 4.93 -1.66
N PRO A 287 45.71 3.67 -2.05
CA PRO A 287 45.99 3.33 -3.45
C PRO A 287 44.84 3.70 -4.35
N VAL A 288 45.10 3.61 -5.65
CA VAL A 288 44.02 3.71 -6.63
C VAL A 288 43.15 2.47 -6.53
N PRO A 289 41.84 2.61 -6.35
CA PRO A 289 41.01 1.46 -6.00
C PRO A 289 41.03 0.38 -7.07
N ILE A 290 40.91 -0.87 -6.62
CA ILE A 290 40.70 -1.97 -7.54
C ILE A 290 39.36 -1.77 -8.23
N ALA A 291 39.40 -1.87 -9.56
CA ALA A 291 38.25 -1.62 -10.47
C ALA A 291 36.91 -2.28 -10.15
N GLY A 292 36.90 -3.58 -9.88
CA GLY A 292 35.64 -4.31 -9.66
C GLY A 292 35.59 -4.90 -8.26
N TYR A 293 35.86 -4.11 -7.22
CA TYR A 293 35.72 -4.66 -5.87
C TYR A 293 34.29 -4.78 -5.38
N PHE A 294 33.56 -3.67 -5.35
CA PHE A 294 32.13 -3.70 -5.09
C PHE A 294 31.43 -3.75 -6.44
N GLN A 295 30.82 -4.89 -6.73
CA GLN A 295 30.25 -5.11 -8.06
C GLN A 295 29.21 -4.04 -8.37
N HIS A 296 28.24 -3.85 -7.48
CA HIS A 296 27.21 -2.84 -7.64
C HIS A 296 26.31 -2.80 -6.42
N ILE A 297 25.78 -1.64 -6.10
CA ILE A 297 24.67 -1.57 -5.16
C ILE A 297 23.40 -1.93 -5.90
N ASN A 298 22.40 -2.45 -5.19
CA ASN A 298 21.19 -2.87 -5.85
C ASN A 298 20.41 -1.70 -6.45
N VAL A 299 20.65 -0.48 -5.99
CA VAL A 299 20.03 0.70 -6.57
C VAL A 299 20.98 1.31 -7.58
N LEU A 300 20.53 2.18 -8.51
CA LEU A 300 21.44 2.91 -9.42
C LEU A 300 21.04 4.40 -9.52
N PHE A 301 21.92 5.33 -9.11
CA PHE A 301 21.64 6.75 -9.20
C PHE A 301 22.77 7.43 -9.97
N THR A 302 22.44 8.54 -10.61
CA THR A 302 23.32 9.19 -11.55
C THR A 302 24.31 10.12 -10.87
N THR A 303 25.43 10.35 -11.54
CA THR A 303 26.34 11.41 -11.16
C THR A 303 25.58 12.71 -10.97
N GLN A 304 25.87 13.40 -9.88
CA GLN A 304 25.13 14.58 -9.45
C GLN A 304 23.65 14.27 -9.28
N PRO A 305 23.28 13.40 -8.35
CA PRO A 305 21.87 13.19 -8.08
C PRO A 305 21.34 14.29 -7.19
N ALA A 306 20.05 14.55 -7.33
CA ALA A 306 19.43 15.55 -6.47
C ALA A 306 19.47 15.08 -5.02
N TRP A 307 19.40 16.04 -4.10
CA TRP A 307 19.26 15.70 -2.69
C TRP A 307 18.17 14.67 -2.47
N ASP A 308 17.17 14.62 -3.34
CA ASP A 308 16.04 13.73 -3.14
C ASP A 308 16.48 12.28 -3.12
N GLN A 309 17.05 11.80 -4.22
CA GLN A 309 17.42 10.39 -4.32
C GLN A 309 18.54 10.02 -3.35
N PHE A 310 19.44 10.96 -3.08
CA PHE A 310 20.51 10.70 -2.13
C PHE A 310 19.94 10.51 -0.73
N ALA A 311 19.12 11.47 -0.28
CA ALA A 311 18.43 11.31 0.99
C ALA A 311 17.65 10.01 1.03
N GLY A 312 17.06 9.63 -0.10
CA GLY A 312 16.36 8.37 -0.16
C GLY A 312 17.22 7.17 0.17
N ILE A 313 18.29 6.99 -0.59
CA ILE A 313 19.13 5.82 -0.40
C ILE A 313 19.70 5.81 1.01
N TRP A 314 20.14 6.97 1.49
CA TRP A 314 20.85 6.93 2.76
C TRP A 314 19.90 6.92 3.96
N ASP A 315 18.67 7.40 3.82
CA ASP A 315 17.69 7.14 4.85
C ASP A 315 17.33 5.68 4.89
N TYR A 316 17.25 5.04 3.72
CA TYR A 316 17.01 3.60 3.72
C TYR A 316 18.12 2.87 4.45
N VAL A 317 19.37 3.29 4.25
CA VAL A 317 20.44 2.55 4.90
C VAL A 317 20.50 2.85 6.39
N ILE A 318 20.21 4.09 6.79
CA ILE A 318 20.06 4.40 8.21
C ILE A 318 19.04 3.45 8.84
N LEU A 319 17.86 3.36 8.23
CA LEU A 319 16.80 2.58 8.83
C LEU A 319 17.09 1.09 8.75
N ALA A 320 17.80 0.64 7.73
CA ALA A 320 18.13 -0.77 7.63
C ALA A 320 19.16 -1.17 8.67
N THR A 321 20.17 -0.31 8.89
CA THR A 321 21.07 -0.53 10.01
C THR A 321 20.31 -0.60 11.31
N ALA A 322 19.43 0.39 11.54
CA ALA A 322 18.61 0.37 12.74
C ALA A 322 17.78 -0.91 12.84
N ALA A 323 17.34 -1.45 11.71
CA ALA A 323 16.52 -2.65 11.74
C ALA A 323 17.33 -3.91 12.01
N LEU A 324 18.61 -3.91 11.66
CA LEU A 324 19.39 -5.13 11.80
C LEU A 324 19.47 -5.59 13.24
N VAL A 325 19.55 -4.64 14.19
CA VAL A 325 19.70 -5.00 15.58
C VAL A 325 18.54 -5.86 16.06
N HIS A 326 17.31 -5.42 15.83
CA HIS A 326 16.18 -6.30 16.08
C HIS A 326 16.27 -7.56 15.23
N LEU A 327 16.72 -7.41 13.99
CA LEU A 327 16.72 -8.56 13.09
C LEU A 327 17.63 -9.66 13.61
N SER A 328 18.74 -9.30 14.24
CA SER A 328 19.69 -10.26 14.77
C SER A 328 19.90 -10.00 16.26
N ASP A 329 19.46 -10.93 17.09
CA ASP A 329 19.87 -10.95 18.48
C ASP A 329 19.61 -12.33 19.04
N PRO A 330 20.42 -12.81 19.97
CA PRO A 330 20.25 -14.18 20.47
C PRO A 330 18.95 -14.34 21.24
N GLY A 331 18.08 -15.20 20.73
CA GLY A 331 16.86 -15.51 21.44
C GLY A 331 17.16 -16.39 22.63
N MET A 332 16.66 -16.00 23.80
CA MET A 332 16.89 -16.77 25.01
C MET A 332 15.94 -17.96 25.04
N THR A 333 16.48 -19.15 25.23
CA THR A 333 15.68 -20.37 25.21
C THR A 333 15.21 -20.69 26.62
N VAL A 334 13.93 -20.50 26.89
CA VAL A 334 13.36 -20.83 28.19
C VAL A 334 12.56 -22.12 28.03
N ASN A 335 12.92 -23.13 28.81
CA ASN A 335 12.28 -24.45 28.70
C ASN A 335 12.28 -24.93 27.26
N ASP A 336 13.46 -24.82 26.64
CA ASP A 336 13.72 -24.93 25.20
C ASP A 336 12.46 -24.56 24.43
N VAL A 337 12.05 -23.30 24.56
CA VAL A 337 11.26 -22.61 23.56
C VAL A 337 11.83 -21.20 23.55
N THR A 338 12.12 -20.69 22.37
CA THR A 338 12.93 -19.48 22.25
C THR A 338 12.05 -18.25 22.36
N TYR A 339 12.51 -17.28 23.14
CA TYR A 339 11.83 -16.01 23.30
C TYR A 339 12.78 -14.89 22.92
N PRO A 340 12.25 -13.73 22.56
CA PRO A 340 13.11 -12.54 22.42
C PRO A 340 13.79 -12.24 23.74
N THR A 341 15.03 -11.79 23.65
CA THR A 341 15.82 -11.57 24.84
C THR A 341 15.15 -10.56 25.75
N THR A 342 14.98 -10.92 27.01
CA THR A 342 14.40 -10.05 28.03
C THR A 342 15.21 -10.21 29.30
N LEU A 343 15.62 -9.09 29.88
CA LEU A 343 16.52 -9.12 31.03
C LEU A 343 15.83 -8.53 32.24
N THR A 344 15.87 -9.28 33.35
CA THR A 344 15.15 -8.93 34.57
C THR A 344 16.11 -8.75 35.73
N THR A 345 15.75 -7.86 36.64
CA THR A 345 16.57 -7.58 37.82
C THR A 345 15.67 -7.28 39.01
N LYS A 346 15.99 -7.90 40.15
CA LYS A 346 15.24 -7.63 41.38
C LYS A 346 15.63 -6.32 42.02
N VAL A 347 16.91 -5.92 41.92
CA VAL A 347 17.37 -4.71 42.59
C VAL A 347 16.66 -3.50 42.02
N ALA A 348 16.38 -2.53 42.88
CA ALA A 348 15.65 -1.34 42.47
C ALA A 348 16.59 -0.38 41.76
N THR A 349 16.14 0.16 40.62
CA THR A 349 16.94 1.15 39.92
C THR A 349 17.03 2.43 40.73
N VAL A 350 18.21 3.04 40.73
CA VAL A 350 18.49 4.24 41.50
C VAL A 350 18.89 5.35 40.55
N ASP A 351 18.28 6.53 40.76
CA ASP A 351 18.60 7.80 40.08
C ASP A 351 18.86 7.61 38.59
N GLY A 352 18.04 6.79 37.95
CA GLY A 352 18.12 6.59 36.52
C GLY A 352 19.15 5.59 36.07
N ARG A 353 19.76 4.86 36.99
CA ARG A 353 20.78 3.87 36.65
C ARG A 353 20.41 2.55 37.31
N ASN A 354 20.29 1.50 36.51
CA ASN A 354 20.09 0.15 37.00
C ASN A 354 21.39 -0.62 36.73
N SER A 355 22.18 -0.83 37.78
CA SER A 355 23.47 -1.48 37.62
C SER A 355 23.33 -2.95 37.23
N ASP A 356 22.53 -3.71 37.97
CA ASP A 356 22.37 -5.13 37.66
C ASP A 356 21.83 -5.31 36.25
N LEU A 357 20.91 -4.46 35.84
CA LEU A 357 20.41 -4.54 34.48
C LEU A 357 21.53 -4.25 33.48
N ALA A 358 22.41 -3.31 33.81
CA ALA A 358 23.55 -3.04 32.95
C ALA A 358 24.42 -4.28 32.79
N ALA A 359 24.73 -4.95 33.90
CA ALA A 359 25.59 -6.13 33.83
C ALA A 359 24.92 -7.26 33.05
N GLN A 360 23.62 -7.46 33.28
CA GLN A 360 22.88 -8.46 32.50
C GLN A 360 22.94 -8.13 31.02
N MET A 361 22.72 -6.86 30.68
CA MET A 361 22.74 -6.43 29.30
C MET A 361 24.09 -6.67 28.66
N MET A 362 25.17 -6.44 29.40
CA MET A 362 26.50 -6.75 28.87
C MET A 362 26.65 -8.24 28.60
N HIS A 363 26.30 -9.06 29.59
CA HIS A 363 26.47 -10.50 29.45
C HIS A 363 25.75 -11.01 28.22
N SER A 364 24.60 -10.44 27.90
CA SER A 364 23.90 -10.89 26.70
C SER A 364 24.41 -10.20 25.45
N ALA A 365 24.86 -8.95 25.59
CA ALA A 365 25.36 -8.18 24.47
C ALA A 365 26.59 -8.81 23.87
N THR A 366 27.30 -9.66 24.61
CA THR A 366 28.37 -10.42 23.97
C THR A 366 27.88 -11.14 22.70
N ARG A 367 27.01 -12.13 22.89
CA ARG A 367 26.45 -12.85 21.74
C ARG A 367 25.72 -11.90 20.80
N PHE A 368 25.04 -10.90 21.37
CA PHE A 368 24.34 -9.94 20.52
C PHE A 368 25.28 -9.28 19.53
N CYS A 369 26.45 -8.84 19.99
CA CYS A 369 27.35 -8.10 19.12
C CYS A 369 27.99 -9.03 18.11
N ASP A 370 28.34 -10.25 18.54
CA ASP A 370 28.79 -11.25 17.59
C ASP A 370 27.82 -11.34 16.40
N ILE A 371 26.58 -11.73 16.69
CA ILE A 371 25.63 -11.97 15.61
C ILE A 371 25.27 -10.68 14.90
N PHE A 372 25.31 -9.55 15.60
CA PHE A 372 24.88 -8.29 14.99
C PHE A 372 25.90 -7.79 13.97
N VAL A 373 27.18 -7.85 14.29
CA VAL A 373 28.13 -7.40 13.28
C VAL A 373 28.26 -8.43 12.19
N GLU A 374 28.02 -9.72 12.49
CA GLU A 374 27.91 -10.67 11.40
C GLU A 374 26.83 -10.24 10.41
N ASN A 375 25.66 -9.89 10.93
CA ASN A 375 24.56 -9.55 10.03
C ASN A 375 24.76 -8.19 9.39
N LEU A 376 25.39 -7.24 10.08
CA LEU A 376 25.67 -5.95 9.47
C LEU A 376 26.62 -6.10 8.29
N SER A 377 27.70 -6.86 8.47
CA SER A 377 28.61 -7.10 7.38
C SER A 377 27.91 -7.84 6.24
N THR A 378 27.00 -8.75 6.58
CA THR A 378 26.16 -9.36 5.55
C THR A 378 25.37 -8.31 4.79
N PHE A 379 24.84 -7.32 5.50
CA PHE A 379 24.02 -6.29 4.86
C PHE A 379 24.83 -5.34 4.01
N TRP A 380 26.13 -5.24 4.25
CA TRP A 380 26.96 -4.36 3.45
C TRP A 380 27.71 -5.10 2.35
N GLY A 381 27.65 -6.42 2.34
CA GLY A 381 28.32 -7.21 1.34
C GLY A 381 29.73 -7.56 1.71
N VAL A 382 30.24 -7.02 2.80
CA VAL A 382 31.58 -7.30 3.28
C VAL A 382 31.55 -8.54 4.14
N VAL A 383 32.42 -9.50 3.84
CA VAL A 383 32.49 -10.70 4.65
C VAL A 383 32.87 -10.31 6.07
N ALA A 384 32.19 -10.91 7.04
CA ALA A 384 32.51 -10.65 8.44
C ALA A 384 33.93 -11.10 8.74
N ASN A 385 34.61 -10.32 9.59
CA ASN A 385 35.97 -10.68 9.99
C ASN A 385 35.94 -12.03 10.68
N PRO A 386 36.79 -12.98 10.28
CA PRO A 386 36.77 -14.30 10.93
C PRO A 386 36.86 -14.25 12.44
N ASP A 387 37.77 -13.44 12.98
CA ASP A 387 37.73 -13.16 14.40
C ASP A 387 36.75 -12.02 14.66
N GLY A 388 36.16 -12.04 15.86
CA GLY A 388 35.24 -11.00 16.23
C GLY A 388 35.96 -9.78 16.78
N ASN A 389 36.71 -9.10 15.93
CA ASN A 389 37.40 -7.90 16.39
C ASN A 389 36.42 -6.74 16.54
N ALA A 390 35.60 -6.50 15.53
CA ALA A 390 34.67 -5.37 15.57
C ALA A 390 33.61 -5.56 16.66
N SER A 391 33.07 -6.77 16.77
CA SER A 391 32.09 -7.04 17.81
C SER A 391 32.64 -6.69 19.19
N GLN A 392 33.91 -6.97 19.44
CA GLN A 392 34.49 -6.60 20.73
C GLN A 392 34.52 -5.09 20.91
N ALA A 393 34.77 -4.35 19.83
CA ALA A 393 34.72 -2.90 19.91
C ALA A 393 33.33 -2.43 20.30
N LEU A 394 32.31 -2.98 19.66
CA LEU A 394 30.94 -2.57 19.97
C LEU A 394 30.60 -2.96 21.40
N LEU A 395 31.08 -4.12 21.85
CA LEU A 395 30.82 -4.54 23.22
C LEU A 395 31.46 -3.58 24.21
N HIS A 396 32.67 -3.10 23.92
CA HIS A 396 33.27 -2.12 24.81
C HIS A 396 32.47 -0.83 24.81
N ALA A 397 31.96 -0.43 23.65
CA ALA A 397 31.06 0.73 23.63
C ALA A 397 29.87 0.50 24.54
N PHE A 398 29.29 -0.70 24.49
CA PHE A 398 28.25 -1.03 25.47
C PHE A 398 28.75 -0.86 26.88
N ASN A 399 29.96 -1.36 27.16
CA ASN A 399 30.51 -1.27 28.51
C ASN A 399 30.60 0.17 28.97
N ILE A 400 31.07 1.07 28.10
CA ILE A 400 31.13 2.48 28.50
C ILE A 400 29.74 3.04 28.69
N VAL A 401 28.74 2.50 27.98
CA VAL A 401 27.37 2.94 28.21
C VAL A 401 26.86 2.46 29.56
N ALA A 402 27.23 1.24 29.94
CA ALA A 402 26.64 0.60 31.11
C ALA A 402 27.10 1.25 32.40
N CYS A 403 28.42 1.35 32.60
CA CYS A 403 28.96 1.83 33.85
C CYS A 403 29.07 3.35 33.90
N ALA A 404 28.41 4.06 33.00
CA ALA A 404 28.37 5.51 33.10
C ALA A 404 27.61 5.94 34.34
N VAL A 405 28.21 6.84 35.14
CA VAL A 405 27.60 7.21 36.41
C VAL A 405 26.43 8.16 36.23
N GLU A 406 26.23 8.68 35.03
CA GLU A 406 25.13 9.59 34.77
C GLU A 406 23.81 8.84 34.70
N PRO A 407 22.69 9.53 34.89
CA PRO A 407 21.39 8.92 34.65
C PRO A 407 21.21 8.57 33.18
N ASN A 408 20.36 7.58 32.93
CA ASN A 408 20.07 7.13 31.58
C ASN A 408 18.59 6.82 31.46
N ARG A 409 17.97 7.32 30.40
CA ARG A 409 16.55 7.04 30.17
C ARG A 409 16.32 5.56 29.91
N HIS A 410 17.17 4.94 29.09
CA HIS A 410 16.89 3.59 28.61
C HIS A 410 17.12 2.53 29.68
N LEU A 411 17.83 2.87 30.76
CA LEU A 411 18.06 1.91 31.84
C LEU A 411 17.36 2.28 33.13
N GLU A 412 16.31 3.10 33.05
CA GLU A 412 15.43 3.34 34.18
C GLU A 412 14.57 2.12 34.51
N MET A 413 14.80 1.03 33.79
CA MET A 413 13.93 -0.13 33.75
C MET A 413 14.00 -0.90 35.07
N ASN A 414 13.16 -1.93 35.15
CA ASN A 414 13.42 -3.09 35.98
C ASN A 414 13.25 -4.39 35.23
N VAL A 415 12.52 -4.38 34.11
CA VAL A 415 12.43 -5.49 33.17
C VAL A 415 12.47 -4.87 31.78
N MET A 416 13.56 -5.10 31.06
CA MET A 416 13.72 -4.53 29.73
C MET A 416 13.92 -5.62 28.68
N ALA A 417 13.51 -5.32 27.46
CA ALA A 417 13.74 -6.19 26.31
C ALA A 417 14.76 -5.52 25.41
N PRO A 418 16.02 -5.86 25.51
CA PRO A 418 17.08 -5.01 24.96
C PRO A 418 16.99 -4.71 23.48
N TRP A 419 17.00 -5.75 22.65
CA TRP A 419 17.38 -5.60 21.26
C TRP A 419 16.14 -5.51 20.38
N TYR A 420 15.62 -4.30 20.32
CA TYR A 420 14.52 -3.96 19.42
C TYR A 420 14.64 -2.45 19.20
N TRP A 421 15.24 -2.10 18.06
CA TRP A 421 15.57 -0.73 17.62
C TRP A 421 14.50 -0.06 16.75
N VAL A 422 14.07 -0.74 15.68
CA VAL A 422 12.98 -0.27 14.85
C VAL A 422 12.46 -1.57 14.28
N GLU A 423 11.22 -1.55 13.81
CA GLU A 423 10.67 -2.73 13.14
C GLU A 423 11.46 -3.03 11.89
N SER A 424 11.87 -4.29 11.73
CA SER A 424 12.58 -4.74 10.54
C SER A 424 11.67 -5.49 9.59
N SER A 425 10.37 -5.22 9.65
CA SER A 425 9.37 -6.08 9.04
C SER A 425 8.96 -5.62 7.65
N ALA A 426 9.53 -4.55 7.11
CA ALA A 426 9.15 -4.13 5.77
C ALA A 426 10.28 -3.51 4.97
N LEU A 427 11.53 -3.61 5.40
CA LEU A 427 12.55 -2.83 4.63
C LEU A 427 13.51 -3.71 3.82
N PHE A 428 13.24 -5.02 3.71
CA PHE A 428 14.22 -5.87 3.06
C PHE A 428 13.58 -6.67 1.95
N CYS A 429 14.16 -6.56 0.76
CA CYS A 429 13.68 -7.36 -0.34
C CYS A 429 13.96 -8.84 -0.11
N ASP A 430 14.84 -9.15 0.83
CA ASP A 430 15.17 -10.53 1.17
C ASP A 430 15.79 -10.55 2.55
N TYR A 431 15.48 -11.58 3.33
CA TYR A 431 16.09 -11.78 4.63
C TYR A 431 16.98 -13.01 4.69
N ALA A 432 16.94 -13.86 3.67
CA ALA A 432 17.78 -15.05 3.58
C ALA A 432 19.26 -14.77 3.76
N PRO A 433 19.80 -13.64 3.31
CA PRO A 433 21.23 -13.38 3.57
C PRO A 433 21.57 -13.35 5.05
N PHE A 434 20.79 -12.64 5.86
CA PHE A 434 21.09 -12.54 7.27
C PHE A 434 20.95 -13.90 7.95
N ARG A 435 21.85 -14.18 8.88
CA ARG A 435 21.70 -15.29 9.81
C ARG A 435 21.21 -14.73 11.14
N SER A 436 20.00 -15.11 11.53
CA SER A 436 19.40 -14.62 12.73
C SER A 436 18.58 -15.75 13.36
N PRO A 437 18.78 -16.04 14.64
CA PRO A 437 17.92 -17.04 15.29
C PRO A 437 16.52 -16.54 15.53
N ILE A 438 16.34 -15.24 15.72
CA ILE A 438 15.01 -14.71 15.99
C ILE A 438 14.09 -14.92 14.80
N SER A 439 14.62 -14.87 13.59
CA SER A 439 13.79 -15.17 12.44
C SER A 439 13.35 -16.62 12.46
N SER A 440 14.27 -17.54 12.75
CA SER A 440 13.89 -18.95 12.86
C SER A 440 12.85 -19.16 13.96
N ALA A 441 12.90 -18.36 15.01
CA ALA A 441 11.91 -18.50 16.08
C ALA A 441 10.58 -17.86 15.74
N GLY A 442 10.54 -17.00 14.73
CA GLY A 442 9.30 -16.40 14.29
C GLY A 442 9.03 -15.00 14.77
N TYR A 443 9.82 -14.49 15.71
CA TYR A 443 9.66 -13.10 16.13
C TYR A 443 10.36 -12.14 15.20
N GLY A 444 10.80 -12.58 14.03
CA GLY A 444 11.55 -11.73 13.14
C GLY A 444 10.65 -10.79 12.37
N PRO A 445 10.98 -10.53 11.11
CA PRO A 445 10.11 -9.73 10.26
C PRO A 445 8.92 -10.57 9.85
N GLN A 446 7.80 -9.90 9.61
CA GLN A 446 6.62 -10.65 9.20
C GLN A 446 6.25 -10.50 7.74
N CYS A 447 6.62 -9.42 7.08
CA CYS A 447 6.27 -9.28 5.66
C CYS A 447 7.49 -8.78 4.89
N VAL A 448 8.13 -9.68 4.15
CA VAL A 448 9.13 -9.28 3.19
C VAL A 448 8.53 -8.23 2.27
N TYR A 449 9.25 -7.13 2.09
CA TYR A 449 8.82 -6.11 1.15
C TYR A 449 8.72 -6.72 -0.25
N GLY A 450 7.54 -6.64 -0.84
CA GLY A 450 7.33 -7.21 -2.14
C GLY A 450 7.29 -8.73 -2.11
N ALA A 451 6.45 -9.27 -1.22
CA ALA A 451 6.17 -10.70 -1.16
C ALA A 451 5.09 -10.98 -0.14
N ARG A 452 4.09 -11.79 -0.50
CA ARG A 452 2.99 -12.11 0.39
C ARG A 452 3.41 -13.28 1.25
N LEU A 453 3.65 -13.03 2.52
CA LEU A 453 4.16 -14.04 3.43
C LEU A 453 3.00 -14.70 4.15
N VAL A 454 2.97 -16.03 4.08
CA VAL A 454 1.92 -16.82 4.72
C VAL A 454 2.53 -17.33 6.01
N LEU A 455 2.16 -16.71 7.11
CA LEU A 455 2.63 -17.08 8.43
C LEU A 455 1.49 -17.65 9.26
N ALA A 456 1.85 -18.30 10.36
CA ALA A 456 0.86 -18.95 11.21
C ALA A 456 0.01 -17.92 11.94
N ALA A 457 -1.29 -18.21 12.03
CA ALA A 457 -2.24 -17.20 12.50
C ALA A 457 -1.97 -16.80 13.95
N THR A 458 -1.75 -17.76 14.81
CA THR A 458 -1.47 -17.49 16.22
C THR A 458 -0.42 -18.47 16.69
N ASN A 459 -0.36 -18.68 18.00
CA ASN A 459 0.44 -19.76 18.54
C ASN A 459 -0.27 -21.09 18.30
N SER A 460 0.50 -22.17 18.42
CA SER A 460 -0.11 -23.49 18.43
C SER A 460 -1.10 -23.53 19.59
N LEU A 461 -2.34 -23.89 19.28
CA LEU A 461 -3.41 -23.82 20.25
C LEU A 461 -4.23 -25.09 20.19
N GLU A 462 -5.20 -25.19 21.08
CA GLU A 462 -6.20 -26.25 21.00
C GLU A 462 -7.53 -25.67 21.45
N PHE A 463 -8.59 -26.06 20.75
CA PHE A 463 -9.93 -25.60 21.09
C PHE A 463 -10.42 -26.35 22.33
N THR A 464 -10.45 -25.67 23.46
CA THR A 464 -10.87 -26.30 24.71
C THR A 464 -12.37 -26.37 24.87
N GLY A 465 -13.14 -25.78 23.96
CA GLY A 465 -14.58 -25.80 24.04
C GLY A 465 -15.16 -24.42 23.94
N GLU A 466 -16.48 -24.36 24.04
CA GLU A 466 -17.21 -23.12 23.98
C GLU A 466 -18.29 -23.13 25.04
N ALA A 467 -18.59 -21.95 25.55
CA ALA A 467 -19.70 -21.79 26.47
C ALA A 467 -20.87 -21.17 25.73
N GLY A 468 -21.77 -20.53 26.46
CA GLY A 468 -22.85 -19.79 25.86
C GLY A 468 -22.59 -18.67 24.89
N ASP A 469 -21.74 -17.74 25.29
CA ASP A 469 -21.58 -16.47 24.58
C ASP A 469 -20.08 -16.25 24.42
N TYR A 470 -19.29 -17.30 24.54
CA TYR A 470 -17.84 -17.21 24.42
C TYR A 470 -17.31 -18.52 23.88
N SER A 471 -16.03 -18.50 23.51
CA SER A 471 -15.39 -19.69 22.97
C SER A 471 -13.91 -19.64 23.35
N ALA A 472 -13.43 -20.68 24.03
CA ALA A 472 -12.09 -20.67 24.58
C ALA A 472 -11.12 -21.47 23.73
N TYR A 473 -9.85 -21.07 23.81
CA TYR A 473 -8.74 -21.79 23.19
C TYR A 473 -7.56 -21.75 24.15
N ARG A 474 -6.84 -22.86 24.23
CA ARG A 474 -5.63 -22.95 25.03
C ARG A 474 -4.44 -22.61 24.13
N PHE A 475 -4.00 -21.36 24.17
CA PHE A 475 -2.78 -20.99 23.50
C PHE A 475 -1.60 -21.55 24.26
N GLU A 476 -0.80 -22.38 23.61
CA GLU A 476 0.57 -22.51 24.08
C GLU A 476 1.22 -21.19 23.75
N TRP A 477 1.48 -20.38 24.75
CA TRP A 477 1.61 -18.95 24.53
C TRP A 477 3.06 -18.56 24.74
N THR A 478 3.59 -17.79 23.79
CA THR A 478 4.93 -17.25 23.89
C THR A 478 4.87 -15.74 24.00
N THR A 479 4.55 -15.04 22.91
CA THR A 479 4.53 -13.59 22.94
C THR A 479 3.54 -13.08 21.92
N MET A 480 3.03 -11.86 22.16
CA MET A 480 2.02 -11.27 21.30
C MET A 480 2.47 -11.26 19.84
N ARG A 481 3.74 -10.94 19.60
CA ARG A 481 4.22 -10.93 18.23
C ARG A 481 4.12 -12.30 17.60
N HIS A 482 4.30 -13.35 18.40
CA HIS A 482 4.11 -14.68 17.85
C HIS A 482 2.65 -15.01 17.62
N ASN A 483 1.76 -14.12 18.03
CA ASN A 483 0.30 -14.27 17.74
C ASN A 483 -0.08 -13.13 16.79
N PRO A 484 0.27 -13.19 15.48
CA PRO A 484 0.05 -12.07 14.58
C PRO A 484 -1.43 -11.84 14.23
N LEU A 485 -2.34 -12.66 14.75
CA LEU A 485 -3.71 -12.36 14.37
C LEU A 485 -4.27 -11.18 15.14
N PHE A 486 -3.76 -10.89 16.32
CA PHE A 486 -4.41 -9.97 17.23
C PHE A 486 -4.23 -8.51 16.83
N ASN A 487 -3.34 -8.18 15.92
CA ASN A 487 -3.27 -6.81 15.45
C ASN A 487 -4.27 -6.52 14.34
N ILE A 488 -4.68 -7.55 13.60
CA ILE A 488 -5.86 -7.40 12.75
C ILE A 488 -7.01 -6.89 13.58
N LEU A 489 -7.30 -7.56 14.69
CA LEU A 489 -8.36 -7.13 15.58
C LEU A 489 -8.02 -5.80 16.21
N ASN A 490 -6.75 -5.59 16.57
CA ASN A 490 -6.34 -4.36 17.22
C ASN A 490 -6.71 -3.14 16.38
N LYS A 491 -6.48 -3.22 15.07
CA LYS A 491 -6.81 -2.08 14.22
C LYS A 491 -8.31 -1.86 14.14
N ARG A 492 -9.08 -2.95 14.07
CA ARG A 492 -10.54 -2.84 13.94
C ARG A 492 -11.14 -2.37 15.27
N VAL A 493 -11.56 -1.11 15.31
CA VAL A 493 -12.13 -0.56 16.53
C VAL A 493 -13.58 -1.00 16.74
N GLY A 494 -14.28 -1.36 15.68
CA GLY A 494 -15.65 -1.79 15.81
C GLY A 494 -15.76 -3.25 16.21
N ASP A 495 -15.75 -3.50 17.52
CA ASP A 495 -15.81 -4.84 18.08
C ASP A 495 -14.75 -5.74 17.44
N GLY A 496 -13.50 -5.38 17.69
CA GLY A 496 -12.39 -6.16 17.21
C GLY A 496 -11.55 -6.79 18.30
N LEU A 497 -10.81 -5.97 19.04
CA LEU A 497 -9.93 -6.46 20.10
C LEU A 497 -10.45 -6.03 21.47
N ALA A 498 -11.76 -6.09 21.64
CA ALA A 498 -12.38 -5.94 22.95
C ALA A 498 -13.21 -7.17 23.28
N ASN A 499 -13.33 -8.11 22.36
CA ASN A 499 -14.00 -9.37 22.58
C ASN A 499 -13.05 -10.43 23.10
N VAL A 500 -11.76 -10.18 23.07
CA VAL A 500 -10.76 -11.09 23.62
C VAL A 500 -10.48 -10.64 25.03
N ASP A 501 -10.60 -11.54 26.00
CA ASP A 501 -10.41 -11.15 27.38
C ASP A 501 -9.77 -12.29 28.15
N PHE A 502 -9.31 -11.96 29.35
CA PHE A 502 -8.56 -12.88 30.19
C PHE A 502 -9.25 -13.12 31.52
N ARG A 503 -10.58 -13.07 31.55
CA ARG A 503 -11.28 -13.37 32.80
C ARG A 503 -11.40 -14.85 33.02
N LEU A 504 -10.71 -15.61 32.17
CA LEU A 504 -10.65 -17.09 32.29
C LEU A 504 -9.24 -17.46 32.79
N ARG A 505 -8.43 -16.45 33.14
CA ARG A 505 -7.08 -16.73 33.61
C ARG A 505 -7.09 -17.06 35.09
N PRO A 506 -6.41 -18.12 35.51
CA PRO A 506 -6.30 -18.39 36.95
C PRO A 506 -5.58 -17.26 37.68
N PHE A 507 -4.36 -16.97 37.26
CA PHE A 507 -3.60 -15.85 37.79
C PHE A 507 -3.24 -14.93 36.64
N ASN A 508 -3.54 -13.65 36.81
CA ASN A 508 -3.38 -12.69 35.71
C ASN A 508 -2.01 -12.03 35.86
N GLU A 509 -0.99 -12.68 35.31
CA GLU A 509 0.38 -12.22 35.46
C GLU A 509 1.05 -12.20 34.10
N TRP A 510 1.53 -11.03 33.69
CA TRP A 510 2.25 -10.85 32.45
C TRP A 510 3.51 -10.05 32.75
N LEU A 511 4.62 -10.48 32.14
CA LEU A 511 5.84 -9.64 32.11
C LEU A 511 5.57 -8.67 30.94
N LEU A 512 6.00 -7.39 31.04
CA LEU A 512 5.73 -6.41 29.99
C LEU A 512 4.24 -6.38 29.68
N GLU A 513 3.49 -5.99 30.70
CA GLU A 513 2.04 -6.08 30.65
C GLU A 513 1.46 -5.06 29.69
N GLY A 514 1.74 -3.79 29.93
CA GLY A 514 1.16 -2.72 29.13
C GLY A 514 -0.02 -2.10 29.85
N GLN A 515 -0.14 -0.79 29.77
CA GLN A 515 -1.14 -0.05 30.52
C GLN A 515 -1.10 -0.47 31.98
N PRO A 516 -0.05 -0.09 32.72
CA PRO A 516 0.00 -0.41 34.15
C PRO A 516 -0.82 0.53 35.00
N SER A 517 -1.24 1.67 34.46
CA SER A 517 -2.05 2.62 35.24
C SER A 517 -3.29 1.94 35.79
N ARG A 518 -4.10 1.38 34.90
CA ARG A 518 -5.41 0.86 35.29
C ARG A 518 -5.33 -0.47 36.01
N ARG A 519 -4.13 -0.90 36.42
CA ARG A 519 -4.05 -1.98 37.38
C ARG A 519 -4.13 -1.45 38.81
N SER A 520 -3.28 -0.47 39.13
CA SER A 520 -3.18 0.04 40.49
C SER A 520 -4.21 1.14 40.72
N ASP A 541 -11.24 -6.21 31.79
CA ASP A 541 -10.28 -7.31 31.73
C ASP A 541 -10.19 -7.90 30.33
N THR A 542 -10.38 -7.07 29.32
CA THR A 542 -10.28 -7.49 27.93
C THR A 542 -8.86 -7.29 27.42
N LEU A 543 -8.55 -7.96 26.31
CA LEU A 543 -7.20 -7.90 25.77
C LEU A 543 -6.78 -6.48 25.42
N ASP A 544 -7.73 -5.61 25.09
CA ASP A 544 -7.36 -4.22 24.83
C ASP A 544 -6.87 -3.52 26.07
N GLU A 545 -7.06 -4.10 27.24
CA GLU A 545 -6.53 -3.53 28.48
C GLU A 545 -5.10 -3.94 28.73
N TYR A 546 -4.62 -5.01 28.11
CA TYR A 546 -3.28 -5.55 28.34
C TYR A 546 -2.37 -5.36 27.14
N ILE A 547 -2.61 -4.33 26.34
CA ILE A 547 -1.80 -4.09 25.15
C ILE A 547 -1.09 -2.75 25.32
N TRP A 548 -0.02 -2.56 24.56
CA TRP A 548 0.68 -1.29 24.59
C TRP A 548 -0.11 -0.23 23.83
N GLY A 549 0.19 1.02 24.13
CA GLY A 549 -0.36 2.11 23.32
C GLY A 549 -0.11 1.89 21.84
N SER A 550 1.15 1.68 21.48
CA SER A 550 1.52 1.15 20.17
C SER A 550 1.10 2.06 19.03
N THR A 551 1.05 3.37 19.29
CA THR A 551 0.52 4.28 18.29
C THR A 551 1.48 4.49 17.12
N SER A 552 2.78 4.43 17.37
CA SER A 552 3.73 4.67 16.30
C SER A 552 3.97 3.44 15.45
N CYS A 553 3.70 2.25 15.97
CA CYS A 553 3.87 1.01 15.22
C CYS A 553 2.72 0.08 15.59
N ASP A 554 1.79 -0.13 14.67
CA ASP A 554 0.66 -0.99 14.96
C ASP A 554 1.05 -2.45 15.01
N LEU A 555 2.24 -2.79 14.53
CA LEU A 555 2.74 -4.14 14.70
C LEU A 555 3.32 -4.29 16.11
N PHE A 556 3.40 -5.53 16.58
CA PHE A 556 3.66 -5.80 17.99
C PHE A 556 5.14 -5.94 18.30
N HIS A 557 5.54 -5.36 19.41
CA HIS A 557 6.88 -5.54 19.96
C HIS A 557 7.19 -7.03 20.08
N PRO A 558 8.42 -7.45 19.82
CA PRO A 558 8.71 -8.89 19.88
C PRO A 558 8.55 -9.49 21.25
N ALA A 559 8.79 -8.71 22.31
CA ALA A 559 8.54 -9.19 23.65
C ALA A 559 7.33 -8.46 24.23
N GLU A 560 6.24 -8.45 23.49
CA GLU A 560 5.02 -7.79 23.91
C GLU A 560 4.13 -8.78 24.64
N LEU A 561 3.85 -8.50 25.91
CA LEU A 561 2.82 -9.21 26.67
C LEU A 561 3.05 -10.73 26.61
N THR A 562 4.23 -11.14 27.04
CA THR A 562 4.60 -12.54 26.96
C THR A 562 4.34 -13.27 28.26
N SER A 563 4.14 -14.57 28.14
CA SER A 563 4.05 -15.48 29.27
C SER A 563 4.63 -16.81 28.86
N TYR A 564 5.33 -17.47 29.78
CA TYR A 564 6.01 -18.70 29.43
C TYR A 564 5.12 -19.92 29.59
N THR A 565 4.05 -19.81 30.35
CA THR A 565 3.07 -20.88 30.50
C THR A 565 1.90 -20.65 29.57
N ALA A 566 1.35 -21.74 29.05
CA ALA A 566 0.17 -21.67 28.19
C ALA A 566 -0.94 -20.92 28.88
N VAL A 567 -1.64 -20.07 28.13
CA VAL A 567 -2.76 -19.32 28.67
C VAL A 567 -3.98 -19.56 27.81
N CYS A 568 -5.14 -19.49 28.42
CA CYS A 568 -6.41 -19.73 27.75
C CYS A 568 -7.15 -18.41 27.51
N VAL A 569 -7.67 -18.24 26.31
CA VAL A 569 -8.36 -17.01 25.90
C VAL A 569 -9.76 -17.36 25.45
N ARG A 570 -10.74 -16.57 25.85
CA ARG A 570 -12.10 -16.75 25.36
C ARG A 570 -12.53 -15.53 24.57
N PHE A 571 -13.20 -15.78 23.45
CA PHE A 571 -13.74 -14.76 22.57
C PHE A 571 -15.24 -14.63 22.79
N ARG A 572 -15.73 -13.39 22.65
CA ARG A 572 -17.14 -13.09 22.85
C ARG A 572 -17.81 -13.08 21.48
N ASN A 573 -18.16 -14.28 21.02
CA ASN A 573 -18.61 -14.41 19.64
C ASN A 573 -19.96 -13.74 19.40
N TYR A 574 -20.84 -13.80 20.37
CA TYR A 574 -22.17 -13.22 20.24
C TYR A 574 -22.37 -12.19 21.35
N LEU A 575 -23.60 -11.71 21.47
CA LEU A 575 -23.98 -10.85 22.58
C LEU A 575 -25.47 -11.05 22.78
N SER A 576 -25.84 -11.76 23.83
CA SER A 576 -27.24 -12.01 24.17
C SER A 576 -27.61 -11.03 25.27
N GLY A 577 -28.28 -9.96 24.89
CA GLY A 577 -28.64 -8.94 25.85
C GLY A 577 -29.64 -9.45 26.87
N ALA A 578 -29.88 -8.62 27.88
CA ALA A 578 -30.79 -8.98 28.95
C ALA A 578 -32.23 -9.06 28.46
N ASP A 579 -32.55 -8.43 27.33
CA ASP A 579 -33.91 -8.46 26.81
C ASP A 579 -34.23 -9.77 26.11
N GLY A 580 -33.32 -10.27 25.28
CA GLY A 580 -33.53 -11.57 24.68
C GLY A 580 -32.93 -11.74 23.30
N ASP A 581 -32.68 -10.65 22.60
CA ASP A 581 -32.10 -10.75 21.28
C ASP A 581 -30.65 -11.21 21.38
N VAL A 582 -30.18 -11.83 20.30
CA VAL A 582 -28.84 -12.41 20.25
C VAL A 582 -28.14 -11.76 19.07
N ARG A 583 -27.38 -10.71 19.33
CA ARG A 583 -26.66 -10.04 18.24
C ARG A 583 -25.38 -10.81 17.95
N ILE A 584 -25.20 -11.17 16.70
CA ILE A 584 -23.94 -11.80 16.28
C ILE A 584 -22.89 -10.72 16.14
N LEU A 585 -21.64 -11.07 16.48
CA LEU A 585 -20.54 -10.11 16.47
C LEU A 585 -19.50 -10.51 15.45
N ASN A 586 -18.59 -9.57 15.17
CA ASN A 586 -17.56 -9.73 14.15
C ASN A 586 -16.34 -10.48 14.64
N THR A 587 -16.45 -11.23 15.72
CA THR A 587 -15.30 -11.99 16.20
C THR A 587 -14.93 -13.07 15.18
N PRO A 588 -13.66 -13.19 14.81
CA PRO A 588 -13.26 -14.22 13.85
C PRO A 588 -13.68 -15.62 14.30
N THR A 589 -14.07 -16.43 13.34
CA THR A 589 -14.54 -17.77 13.63
C THR A 589 -13.36 -18.71 13.85
N ARG A 590 -13.68 -19.99 14.06
CA ARG A 590 -12.67 -20.94 14.51
C ARG A 590 -11.62 -21.19 13.43
N GLU A 591 -12.06 -21.39 12.18
CA GLU A 591 -11.10 -21.61 11.12
C GLU A 591 -10.28 -20.36 10.82
N VAL A 592 -10.67 -19.21 11.35
CA VAL A 592 -9.81 -18.04 11.26
C VAL A 592 -8.71 -18.12 12.30
N ILE A 593 -9.05 -18.58 13.51
CA ILE A 593 -8.05 -18.71 14.55
C ILE A 593 -7.09 -19.86 14.25
N GLU A 594 -7.52 -20.82 13.45
CA GLU A 594 -6.69 -21.98 13.17
C GLU A 594 -6.11 -21.99 11.76
N GLY A 595 -6.52 -21.08 10.89
CA GLY A 595 -5.95 -20.98 9.56
C GLY A 595 -4.99 -19.81 9.45
N ASN A 596 -4.02 -19.95 8.54
CA ASN A 596 -2.89 -19.05 8.45
C ASN A 596 -3.32 -17.61 8.17
N VAL A 597 -2.37 -16.70 8.34
CA VAL A 597 -2.50 -15.31 7.93
C VAL A 597 -1.57 -15.07 6.74
N VAL A 598 -2.03 -14.26 5.80
CA VAL A 598 -1.21 -13.74 4.70
C VAL A 598 -1.00 -12.25 4.93
N THR A 599 0.24 -11.82 4.75
CA THR A 599 0.64 -10.44 4.95
C THR A 599 1.34 -9.93 3.71
N ARG A 600 0.91 -8.77 3.23
CA ARG A 600 1.66 -8.10 2.17
C ARG A 600 1.96 -6.68 2.59
N CYS A 601 2.94 -6.09 1.91
CA CYS A 601 3.32 -4.72 2.19
C CYS A 601 2.60 -3.79 1.24
N ASP A 602 2.44 -2.54 1.67
CA ASP A 602 1.83 -1.55 0.82
C ASP A 602 2.82 -0.44 0.52
N GLY A 603 2.33 0.74 0.21
CA GLY A 603 3.22 1.84 -0.06
C GLY A 603 3.96 2.29 1.18
N ILE A 604 5.11 2.92 0.95
CA ILE A 604 5.87 3.60 1.99
C ILE A 604 5.93 5.06 1.60
N ARG A 605 5.17 5.89 2.29
CA ARG A 605 5.22 7.32 2.11
C ARG A 605 6.12 7.93 3.18
N CYS A 606 6.26 9.25 3.15
CA CYS A 606 6.80 9.99 4.28
C CYS A 606 5.90 11.18 4.55
N LEU A 607 6.00 11.71 5.77
CA LEU A 607 5.17 12.83 6.17
C LEU A 607 5.74 13.46 7.44
N ASP A 608 4.94 14.36 8.02
CA ASP A 608 5.30 15.17 9.17
C ASP A 608 4.77 14.57 10.46
N SER A 609 5.45 14.88 11.55
CA SER A 609 5.09 14.35 12.86
C SER A 609 3.86 15.06 13.39
N ASN A 610 2.90 14.29 13.87
CA ASN A 610 1.73 14.83 14.53
C ASN A 610 1.73 14.40 16.00
N LYS A 611 0.72 14.88 16.72
CA LYS A 611 0.59 14.56 18.13
C LYS A 611 0.34 13.07 18.33
N ARG A 612 -0.40 12.46 17.42
CA ARG A 612 -0.79 11.06 17.61
C ARG A 612 0.39 10.12 17.46
N ILE A 613 1.38 10.48 16.64
CA ILE A 613 2.55 9.63 16.49
C ILE A 613 3.39 9.63 17.76
N GLN A 614 3.51 10.80 18.39
CA GLN A 614 4.42 10.95 19.52
C GLN A 614 3.95 10.22 20.76
N HIS A 615 2.68 9.85 20.83
CA HIS A 615 2.12 9.19 22.00
C HIS A 615 2.98 8.00 22.40
N VAL A 616 3.49 8.05 23.62
CA VAL A 616 4.48 7.08 24.10
C VAL A 616 3.78 6.09 25.01
N PRO A 617 3.90 4.78 24.76
CA PRO A 617 3.13 3.81 25.55
C PRO A 617 3.64 3.72 26.97
N GLU A 618 2.72 3.77 27.93
CA GLU A 618 3.05 3.48 29.31
C GLU A 618 2.98 1.98 29.53
N VAL A 619 4.09 1.38 29.93
CA VAL A 619 4.24 -0.06 29.93
C VAL A 619 4.70 -0.53 31.30
N ALA A 620 4.37 -1.77 31.62
CA ALA A 620 4.63 -2.33 32.96
C ALA A 620 6.00 -2.96 32.99
N ARG A 621 6.94 -2.31 33.68
CA ARG A 621 8.33 -2.74 33.71
C ARG A 621 8.81 -2.67 35.17
N ARG A 622 8.45 -3.71 35.91
CA ARG A 622 8.69 -3.82 37.33
C ARG A 622 8.71 -5.31 37.66
N TYR A 623 9.47 -5.67 38.69
CA TYR A 623 9.62 -7.07 39.07
C TYR A 623 8.30 -7.70 39.47
N CYS A 624 7.78 -8.60 38.66
CA CYS A 624 6.48 -9.21 38.88
C CYS A 624 6.64 -10.69 39.24
N MET A 625 5.53 -11.43 39.16
CA MET A 625 5.61 -12.88 39.34
C MET A 625 6.27 -13.56 38.15
N MET A 626 5.93 -13.14 36.94
CA MET A 626 6.58 -13.72 35.78
C MET A 626 8.06 -13.35 35.76
N ALA A 627 8.41 -12.18 36.29
CA ALA A 627 9.81 -11.80 36.38
C ALA A 627 10.60 -12.82 37.18
N ARG A 628 10.15 -13.11 38.41
CA ARG A 628 10.83 -14.11 39.22
C ARG A 628 10.56 -15.52 38.75
N TYR A 629 9.66 -15.71 37.78
CA TYR A 629 9.62 -16.99 37.09
C TYR A 629 10.77 -17.10 36.11
N LEU A 630 11.04 -16.02 35.38
CA LEU A 630 12.13 -16.03 34.42
C LEU A 630 13.48 -16.07 35.11
N ALA A 631 13.61 -15.41 36.26
CA ALA A 631 14.85 -15.46 37.01
C ALA A 631 15.20 -16.88 37.41
N GLN A 632 14.18 -17.73 37.58
CA GLN A 632 14.38 -19.14 37.88
C GLN A 632 14.06 -20.02 36.69
N ALA A 633 13.93 -19.44 35.50
CA ALA A 633 13.62 -20.21 34.31
C ALA A 633 14.76 -21.17 33.99
N ARG A 634 14.51 -22.05 33.01
CA ARG A 634 15.54 -23.01 32.63
C ARG A 634 16.77 -22.30 32.07
N THR A 635 16.65 -21.70 30.89
CA THR A 635 17.71 -20.87 30.33
C THR A 635 18.96 -21.71 30.14
N PHE A 636 18.89 -22.70 29.26
CA PHE A 636 19.91 -23.74 29.18
C PHE A 636 21.21 -23.16 28.67
N GLY A 637 22.11 -22.86 29.59
CA GLY A 637 23.49 -22.57 29.25
C GLY A 637 24.44 -22.94 30.38
N LYS B 15 -11.66 -8.42 -26.12
CA LYS B 15 -11.30 -7.02 -26.29
C LYS B 15 -12.38 -6.20 -27.01
N PRO B 16 -13.00 -6.73 -28.08
CA PRO B 16 -14.15 -6.02 -28.67
C PRO B 16 -15.40 -6.21 -27.83
N MET B 17 -15.22 -6.67 -26.60
CA MET B 17 -16.35 -7.02 -25.74
C MET B 17 -17.18 -5.80 -25.38
N PHE B 18 -16.62 -4.60 -25.54
CA PHE B 18 -17.39 -3.37 -25.47
C PHE B 18 -17.79 -2.95 -26.87
N CYS B 19 -19.01 -2.45 -27.01
CA CYS B 19 -19.62 -2.17 -28.31
C CYS B 19 -19.86 -0.66 -28.42
N GLU B 20 -20.46 -0.24 -29.53
CA GLU B 20 -20.50 1.17 -29.89
C GLU B 20 -21.89 1.76 -29.67
N ILE B 21 -22.26 1.87 -28.39
CA ILE B 21 -23.59 2.35 -28.04
C ILE B 21 -23.56 3.85 -27.75
N ILE B 22 -22.88 4.25 -26.69
CA ILE B 22 -22.72 5.67 -26.40
C ILE B 22 -21.70 6.32 -27.32
N LYS B 23 -20.92 5.50 -28.02
CA LYS B 23 -20.07 6.00 -29.09
C LYS B 23 -20.80 6.96 -30.01
N LEU B 24 -22.05 6.64 -30.33
CA LEU B 24 -22.79 7.35 -31.37
C LEU B 24 -23.56 8.56 -30.85
N ALA B 25 -23.96 8.57 -29.59
CA ALA B 25 -24.54 9.79 -29.02
C ALA B 25 -23.53 10.92 -29.11
N ASN B 26 -24.03 12.12 -29.38
CA ASN B 26 -23.16 13.28 -29.62
C ASN B 26 -23.34 14.28 -28.50
N ARG B 27 -22.28 14.49 -27.73
CA ARG B 27 -22.24 15.47 -26.67
C ARG B 27 -21.46 16.70 -27.12
N LYS B 28 -21.80 17.85 -26.55
CA LYS B 28 -21.11 19.09 -26.86
C LYS B 28 -20.74 19.91 -25.65
N ARG B 29 -21.30 19.64 -24.47
CA ARG B 29 -21.05 20.47 -23.31
C ARG B 29 -19.74 20.06 -22.62
N LEU B 30 -18.95 21.05 -22.25
CA LEU B 30 -17.75 20.86 -21.46
C LEU B 30 -18.04 21.23 -20.01
N ILE B 31 -17.74 20.34 -19.09
CA ILE B 31 -18.02 20.53 -17.68
C ILE B 31 -16.86 21.25 -17.03
N PHE B 32 -17.16 22.33 -16.32
CA PHE B 32 -16.14 23.15 -15.68
C PHE B 32 -16.16 23.08 -14.17
N ASN B 33 -17.32 22.83 -13.57
CA ASN B 33 -17.47 22.75 -12.13
C ASN B 33 -18.11 21.41 -11.78
N THR B 34 -18.36 21.21 -10.50
CA THR B 34 -19.04 20.01 -10.05
C THR B 34 -20.55 20.18 -9.96
N THR B 35 -21.04 21.42 -9.95
CA THR B 35 -22.48 21.67 -9.86
C THR B 35 -23.19 21.31 -11.15
N ASP B 36 -22.46 21.03 -12.22
CA ASP B 36 -23.05 20.68 -13.51
C ASP B 36 -22.77 19.22 -13.82
N GLU B 37 -23.55 18.67 -14.74
CA GLU B 37 -23.37 17.29 -15.15
C GLU B 37 -23.98 17.10 -16.53
N ARG B 38 -23.55 16.05 -17.22
CA ARG B 38 -24.21 15.61 -18.43
C ARG B 38 -25.03 14.36 -18.12
N VAL B 39 -26.14 14.19 -18.82
CA VAL B 39 -26.96 13.00 -18.63
C VAL B 39 -27.09 12.29 -19.96
N TYR B 40 -26.94 10.97 -19.93
CA TYR B 40 -27.09 10.15 -21.12
C TYR B 40 -28.47 9.52 -21.06
N ASP B 41 -29.44 10.20 -21.65
CA ASP B 41 -30.83 9.74 -21.63
C ASP B 41 -31.02 8.61 -22.63
N ALA B 42 -31.55 7.49 -22.17
CA ALA B 42 -31.88 6.37 -23.03
C ALA B 42 -33.37 6.11 -22.88
N ARG B 43 -34.13 6.39 -23.94
CA ARG B 43 -35.57 6.17 -23.90
C ARG B 43 -35.89 4.75 -24.34
N LEU B 44 -36.82 4.13 -23.62
CA LEU B 44 -37.17 2.74 -23.79
C LEU B 44 -38.66 2.62 -24.04
N ASN B 45 -39.04 1.74 -24.96
CA ASN B 45 -40.44 1.48 -25.25
C ASN B 45 -40.82 0.16 -24.62
N TYR B 46 -41.77 0.19 -23.69
CA TYR B 46 -42.28 -1.00 -23.03
C TYR B 46 -43.64 -1.32 -23.63
N CYS B 47 -43.74 -2.47 -24.31
CA CYS B 47 -44.96 -2.86 -25.01
C CYS B 47 -45.21 -4.34 -24.74
N SER B 48 -46.39 -4.64 -24.20
CA SER B 48 -46.74 -6.04 -23.95
C SER B 48 -46.95 -6.78 -25.25
N THR B 49 -46.49 -8.02 -25.31
CA THR B 49 -46.68 -8.82 -26.51
C THR B 49 -48.14 -9.12 -26.78
N ALA B 50 -48.99 -9.03 -25.75
CA ALA B 50 -50.39 -9.41 -25.93
C ALA B 50 -51.18 -8.31 -26.61
N ASP B 51 -51.13 -7.10 -26.08
CA ASP B 51 -51.89 -5.97 -26.59
C ASP B 51 -50.92 -4.84 -26.88
N SER B 52 -50.82 -4.47 -28.16
CA SER B 52 -49.83 -3.51 -28.60
C SER B 52 -50.20 -2.07 -28.27
N THR B 53 -51.28 -1.84 -27.53
CA THR B 53 -51.65 -0.49 -27.15
C THR B 53 -51.31 -0.13 -25.72
N VAL B 54 -50.99 -1.11 -24.88
CA VAL B 54 -50.51 -0.84 -23.52
C VAL B 54 -48.99 -0.76 -23.60
N GLN B 55 -48.51 0.44 -23.90
CA GLN B 55 -47.09 0.69 -24.04
C GLN B 55 -46.75 2.00 -23.35
N ALA B 56 -45.47 2.19 -23.09
CA ALA B 56 -45.00 3.36 -22.36
C ALA B 56 -43.59 3.70 -22.79
N ASP B 57 -43.23 4.97 -22.58
CA ASP B 57 -41.91 5.49 -22.91
C ASP B 57 -41.22 5.90 -21.62
N CYS B 58 -40.22 5.12 -21.21
CA CYS B 58 -39.52 5.35 -19.95
C CYS B 58 -38.08 5.72 -20.23
N HIS B 59 -37.61 6.79 -19.61
CA HIS B 59 -36.31 7.35 -19.90
C HIS B 59 -35.36 7.00 -18.77
N ILE B 60 -34.43 6.08 -19.02
CA ILE B 60 -33.30 5.93 -18.11
C ILE B 60 -32.40 7.13 -18.27
N TYR B 61 -31.83 7.61 -17.18
CA TYR B 61 -30.81 8.64 -17.25
C TYR B 61 -29.53 8.11 -16.66
N TRP B 62 -28.42 8.77 -16.99
CA TRP B 62 -27.09 8.33 -16.54
C TRP B 62 -26.26 9.58 -16.28
N ARG B 63 -26.37 10.09 -15.06
CA ARG B 63 -25.73 11.35 -14.70
C ARG B 63 -24.24 11.18 -14.53
N LEU B 64 -23.46 12.08 -15.12
CA LEU B 64 -22.01 12.06 -15.04
C LEU B 64 -21.56 13.47 -14.69
N LYS B 65 -20.91 13.63 -13.54
CA LYS B 65 -20.42 14.93 -13.14
C LYS B 65 -18.98 14.83 -12.69
N LEU B 66 -18.36 15.97 -12.43
CA LEU B 66 -16.97 16.00 -12.00
C LEU B 66 -16.87 15.78 -10.51
N ARG B 67 -16.00 14.85 -10.11
CA ARG B 67 -15.84 14.54 -8.69
C ARG B 67 -15.42 15.77 -7.91
N ARG B 68 -14.40 16.47 -8.39
CA ARG B 68 -14.06 17.80 -7.92
C ARG B 68 -13.62 18.64 -9.11
N THR B 69 -13.37 19.92 -8.84
CA THR B 69 -12.79 20.77 -9.87
C THR B 69 -11.40 20.28 -10.27
N ASP B 70 -10.61 19.89 -9.28
CA ASP B 70 -9.25 19.39 -9.52
C ASP B 70 -9.10 17.96 -9.05
N ALA B 71 -9.98 17.07 -9.52
CA ALA B 71 -9.97 15.71 -9.01
C ALA B 71 -8.75 14.93 -9.48
N VAL B 72 -8.18 15.28 -10.63
CA VAL B 72 -7.03 14.55 -11.13
C VAL B 72 -5.77 14.87 -10.35
N PHE B 73 -5.74 16.00 -9.65
CA PHE B 73 -4.53 16.46 -8.97
C PHE B 73 -4.41 15.93 -7.55
N GLU B 74 -5.01 14.78 -7.27
CA GLU B 74 -4.97 14.26 -5.90
C GLU B 74 -3.65 13.56 -5.64
N GLU B 75 -3.11 13.79 -4.45
CA GLU B 75 -1.79 13.28 -4.11
C GLU B 75 -1.71 11.78 -4.33
N TYR B 76 -0.60 11.34 -4.92
CA TYR B 76 -0.44 9.93 -5.22
C TYR B 76 -0.24 9.11 -3.95
N THR B 77 0.50 9.66 -2.99
CA THR B 77 0.85 9.06 -1.69
C THR B 77 1.72 7.83 -1.91
N GLY B 78 1.23 6.84 -2.66
CA GLY B 78 2.05 5.70 -3.02
C GLY B 78 1.76 4.47 -2.18
N GLN B 79 0.96 4.58 -1.14
CA GLN B 79 0.62 3.44 -0.30
C GLN B 79 -0.62 2.78 -0.88
N GLY B 80 -0.44 1.62 -1.48
CA GLY B 80 -1.57 0.93 -2.08
C GLY B 80 -1.28 -0.55 -2.25
N TYR B 81 -2.12 -1.18 -3.06
CA TYR B 81 -1.90 -2.58 -3.40
C TYR B 81 -0.63 -2.71 -4.23
N SER B 82 0.25 -3.60 -3.80
CA SER B 82 1.56 -3.79 -4.42
C SER B 82 1.58 -5.13 -5.13
N LEU B 83 1.37 -5.12 -6.44
CA LEU B 83 1.49 -6.34 -7.22
C LEU B 83 2.95 -6.75 -7.34
N ASP B 84 3.17 -8.05 -7.45
CA ASP B 84 4.50 -8.57 -7.70
C ASP B 84 4.37 -9.86 -8.50
N THR B 85 5.53 -10.38 -8.93
CA THR B 85 5.62 -11.58 -9.75
C THR B 85 4.87 -11.45 -11.06
N ALA B 86 4.83 -10.23 -11.61
CA ALA B 86 4.29 -10.02 -12.95
C ALA B 86 5.43 -10.20 -13.94
N ALA B 87 5.78 -11.45 -14.18
CA ALA B 87 6.90 -11.77 -15.04
C ALA B 87 6.51 -11.66 -16.50
N TYR B 88 7.40 -11.08 -17.30
CA TYR B 88 7.16 -11.01 -18.72
C TYR B 88 7.19 -12.40 -19.34
N PRO B 89 6.44 -12.62 -20.39
CA PRO B 89 6.58 -13.87 -21.15
C PRO B 89 7.93 -13.97 -21.83
N GLN B 90 8.12 -15.02 -22.64
CA GLN B 90 9.44 -15.33 -23.18
C GLN B 90 9.96 -14.21 -24.07
N GLN B 91 9.18 -13.83 -25.09
CA GLN B 91 9.67 -12.86 -26.06
C GLN B 91 10.09 -11.56 -25.38
N TYR B 92 9.35 -11.16 -24.36
CA TYR B 92 9.70 -9.94 -23.67
C TYR B 92 10.95 -10.11 -22.83
N THR B 93 11.18 -11.31 -22.28
CA THR B 93 12.45 -11.54 -21.58
C THR B 93 13.62 -11.46 -22.55
N ASP B 94 13.48 -12.01 -23.75
CA ASP B 94 14.54 -11.90 -24.74
C ASP B 94 14.80 -10.43 -25.10
N ILE B 95 13.74 -9.70 -25.43
CA ILE B 95 13.94 -8.34 -25.88
C ILE B 95 14.42 -7.43 -24.77
N ILE B 96 14.03 -7.72 -23.52
CA ILE B 96 14.52 -6.92 -22.40
C ILE B 96 15.96 -7.27 -22.10
N ARG B 97 16.34 -8.53 -22.26
CA ARG B 97 17.75 -8.89 -22.18
C ARG B 97 18.55 -8.13 -23.22
N GLY B 98 18.00 -7.99 -24.42
CA GLY B 98 18.65 -7.19 -25.44
C GLY B 98 18.81 -5.75 -25.03
N TYR B 99 17.75 -5.14 -24.49
CA TYR B 99 17.84 -3.74 -24.08
C TYR B 99 18.82 -3.56 -22.92
N TYR B 100 18.97 -4.58 -22.08
CA TYR B 100 19.88 -4.48 -20.95
C TYR B 100 21.32 -4.60 -21.38
N SER B 101 21.64 -5.60 -22.21
CA SER B 101 23.03 -5.86 -22.54
C SER B 101 23.72 -4.69 -23.26
N LYS B 102 22.97 -3.68 -23.69
CA LYS B 102 23.60 -2.55 -24.37
C LYS B 102 24.50 -1.78 -23.43
N HIS B 103 24.10 -1.63 -22.16
CA HIS B 103 24.87 -0.88 -21.18
C HIS B 103 25.55 -1.81 -20.19
N VAL B 104 26.82 -1.52 -19.90
CA VAL B 104 27.56 -2.31 -18.93
C VAL B 104 26.91 -2.20 -17.56
N SER B 105 26.35 -1.04 -17.24
CA SER B 105 25.66 -0.89 -15.98
C SER B 105 24.36 -1.67 -15.92
N SER B 106 23.89 -2.18 -17.05
CA SER B 106 22.76 -3.09 -17.07
C SER B 106 23.12 -4.52 -17.44
N SER B 107 24.29 -4.73 -18.06
CA SER B 107 24.67 -6.09 -18.43
C SER B 107 24.72 -7.02 -17.23
N LEU B 108 24.80 -6.46 -16.02
CA LEU B 108 24.77 -7.26 -14.81
C LEU B 108 23.50 -8.08 -14.74
N ALA B 109 22.34 -7.42 -14.85
CA ALA B 109 21.04 -8.09 -14.81
C ALA B 109 20.70 -8.58 -16.22
N ALA B 110 21.33 -9.68 -16.60
CA ALA B 110 21.17 -10.24 -17.94
C ALA B 110 20.31 -11.49 -17.96
N ASN B 111 20.55 -12.43 -17.04
CA ASN B 111 19.85 -13.71 -17.02
C ASN B 111 18.97 -13.77 -15.78
N THR B 112 18.33 -12.66 -15.47
CA THR B 112 17.39 -12.53 -14.37
C THR B 112 16.01 -12.23 -14.93
N GLN B 113 14.98 -12.75 -14.28
CA GLN B 113 13.63 -12.60 -14.79
C GLN B 113 13.08 -11.23 -14.38
N HIS B 114 12.48 -10.53 -15.34
CA HIS B 114 12.14 -9.12 -15.17
C HIS B 114 10.65 -8.99 -14.87
N PHE B 115 10.32 -8.16 -13.89
CA PHE B 115 8.96 -7.95 -13.44
C PHE B 115 8.51 -6.53 -13.74
N VAL B 116 7.25 -6.39 -14.13
CA VAL B 116 6.64 -5.12 -14.49
C VAL B 116 5.48 -4.85 -13.55
N ASN B 117 5.20 -3.57 -13.31
CA ASN B 117 4.07 -3.18 -12.46
C ASN B 117 3.74 -1.72 -12.76
N VAL B 118 2.90 -1.52 -13.76
CA VAL B 118 2.51 -0.17 -14.20
C VAL B 118 1.14 0.24 -13.67
N LEU B 119 0.63 -0.47 -12.67
CA LEU B 119 -0.74 -0.23 -12.21
C LEU B 119 -0.93 1.22 -11.79
N ALA B 120 0.08 1.83 -11.18
CA ALA B 120 -0.06 3.21 -10.74
C ALA B 120 -0.23 4.16 -11.92
N MET B 121 0.66 4.06 -12.89
CA MET B 121 0.53 4.91 -14.08
C MET B 121 -0.78 4.63 -14.80
N LEU B 122 -1.21 3.38 -14.81
CA LEU B 122 -2.46 3.04 -15.47
C LEU B 122 -3.63 3.72 -14.79
N ARG B 123 -3.65 3.72 -13.46
CA ARG B 123 -4.74 4.36 -12.74
C ARG B 123 -4.71 5.88 -12.92
N HIS B 124 -3.53 6.47 -12.95
CA HIS B 124 -3.51 7.90 -13.19
C HIS B 124 -3.90 8.23 -14.63
N ALA B 125 -3.57 7.35 -15.56
CA ALA B 125 -4.02 7.53 -16.93
C ALA B 125 -5.53 7.52 -17.02
N GLY B 126 -6.16 6.54 -16.39
CA GLY B 126 -7.61 6.54 -16.32
C GLY B 126 -8.16 7.81 -15.71
N ALA B 127 -7.53 8.29 -14.65
CA ALA B 127 -7.99 9.52 -14.00
C ALA B 127 -7.96 10.67 -14.99
N CYS B 128 -6.82 10.91 -15.61
CA CYS B 128 -6.71 12.09 -16.46
C CYS B 128 -7.51 11.93 -17.74
N ILE B 129 -7.75 10.70 -18.18
CA ILE B 129 -8.56 10.52 -19.38
C ILE B 129 -10.02 10.84 -19.08
N ALA B 130 -10.50 10.48 -17.89
CA ALA B 130 -11.83 10.92 -17.51
C ALA B 130 -11.88 12.43 -17.36
N HIS B 131 -10.86 13.01 -16.74
CA HIS B 131 -10.78 14.47 -16.64
C HIS B 131 -10.85 15.12 -18.01
N TYR B 132 -10.23 14.48 -19.01
CA TYR B 132 -10.26 15.01 -20.36
C TYR B 132 -11.64 14.88 -20.98
N CYS B 133 -12.28 13.73 -20.78
CA CYS B 133 -13.62 13.56 -21.31
C CYS B 133 -14.59 14.56 -20.71
N MET B 134 -14.32 15.03 -19.49
CA MET B 134 -15.24 16.00 -18.88
C MET B 134 -14.85 17.45 -19.17
N THR B 135 -13.65 17.85 -18.77
CA THR B 135 -13.26 19.24 -18.91
C THR B 135 -12.64 19.55 -20.26
N GLY B 136 -12.22 18.54 -21.02
CA GLY B 136 -11.67 18.75 -22.33
C GLY B 136 -10.23 19.20 -22.38
N LYS B 137 -9.69 19.76 -21.30
CA LYS B 137 -8.33 20.26 -21.33
C LYS B 137 -7.39 19.24 -20.71
N ILE B 138 -6.26 19.02 -21.37
CA ILE B 138 -5.13 18.29 -20.79
C ILE B 138 -3.86 18.98 -21.23
N ASP B 139 -2.87 18.95 -20.35
CA ASP B 139 -1.52 19.41 -20.68
C ASP B 139 -0.56 18.46 -19.97
N PHE B 140 0.69 18.87 -19.84
CA PHE B 140 1.63 18.05 -19.09
C PHE B 140 1.42 18.16 -17.60
N ASP B 141 0.87 19.28 -17.12
CA ASP B 141 0.53 19.39 -15.72
C ASP B 141 -0.51 18.36 -15.32
N ILE B 142 -1.61 18.30 -16.08
CA ILE B 142 -2.69 17.38 -15.76
C ILE B 142 -2.26 15.93 -15.93
N LEU B 143 -1.26 15.67 -16.77
CA LEU B 143 -0.77 14.32 -16.94
C LEU B 143 0.33 13.96 -15.95
N SER B 144 0.90 14.93 -15.26
CA SER B 144 2.00 14.66 -14.35
C SER B 144 1.79 15.36 -13.02
N LYS B 145 0.53 15.46 -12.60
CA LYS B 145 0.19 16.09 -11.32
C LYS B 145 0.84 17.45 -11.17
N LYS B 146 1.03 18.14 -12.30
CA LYS B 146 1.78 19.40 -12.38
C LYS B 146 3.09 19.31 -11.61
N LYS B 147 3.71 18.13 -11.63
CA LYS B 147 5.02 17.94 -11.06
C LYS B 147 6.08 17.63 -12.10
N HIS B 148 5.70 17.53 -13.37
CA HIS B 148 6.66 17.30 -14.45
C HIS B 148 7.76 18.35 -14.49
N LYS B 149 7.49 19.54 -13.95
CA LYS B 149 8.36 20.68 -14.18
C LYS B 149 9.78 20.43 -13.69
N ASN B 150 9.94 19.60 -12.65
CA ASN B 150 11.25 19.41 -12.03
C ASN B 150 11.45 17.94 -11.68
N LYS B 151 11.16 17.05 -12.62
CA LYS B 151 11.41 15.63 -12.44
C LYS B 151 12.79 15.31 -12.96
N GLU B 152 13.66 14.80 -12.10
CA GLU B 152 15.04 14.49 -12.44
C GLU B 152 15.13 13.01 -12.80
N VAL B 153 15.52 12.75 -14.04
CA VAL B 153 15.62 11.39 -14.56
C VAL B 153 17.05 10.92 -14.39
N VAL B 154 17.23 9.77 -13.76
CA VAL B 154 18.55 9.16 -13.72
C VAL B 154 18.82 8.56 -15.08
N THR B 155 20.03 8.76 -15.57
CA THR B 155 20.41 8.30 -16.90
C THR B 155 21.36 7.13 -16.78
N LEU B 156 21.12 6.12 -17.61
CA LEU B 156 21.87 4.88 -17.50
C LEU B 156 23.30 5.04 -18.00
N SER B 157 23.57 6.03 -18.84
CA SER B 157 24.94 6.26 -19.31
C SER B 157 25.73 7.13 -18.34
N ASN B 158 25.10 8.14 -17.76
CA ASN B 158 25.81 9.06 -16.88
C ASN B 158 26.02 8.49 -15.48
N ALA B 159 25.37 7.39 -15.14
CA ALA B 159 25.49 6.85 -13.81
C ALA B 159 26.80 6.08 -13.66
N ASP B 160 27.30 6.04 -12.44
CA ASP B 160 28.59 5.42 -12.17
C ASP B 160 28.57 3.94 -12.50
N SER B 161 29.76 3.35 -12.54
CA SER B 161 29.88 1.91 -12.78
C SER B 161 29.53 1.11 -11.55
N LEU B 162 29.66 1.70 -10.35
CA LEU B 162 29.21 1.02 -9.15
C LEU B 162 27.69 0.93 -9.08
N SER B 163 26.98 1.65 -9.93
CA SER B 163 25.54 1.64 -9.95
C SER B 163 25.04 0.43 -10.72
N PHE B 164 23.75 0.12 -10.55
CA PHE B 164 23.19 -1.10 -11.12
C PHE B 164 21.68 -0.95 -11.22
N LEU B 165 21.13 -1.35 -12.35
CA LEU B 165 19.72 -1.11 -12.65
C LEU B 165 18.82 -1.92 -11.74
N PRO B 166 18.11 -1.30 -10.82
CA PRO B 166 17.34 -2.07 -9.84
C PRO B 166 16.13 -2.71 -10.47
N HIS B 167 15.64 -3.77 -9.83
CA HIS B 167 14.38 -4.37 -10.22
C HIS B 167 13.23 -3.38 -10.13
N SER B 168 13.39 -2.31 -9.36
CA SER B 168 12.31 -1.33 -9.20
C SER B 168 12.67 0.04 -9.73
N ALA B 169 13.02 0.12 -11.00
CA ALA B 169 13.19 1.40 -11.69
C ALA B 169 12.42 1.35 -12.99
N LEU B 170 11.66 2.40 -13.27
CA LEU B 170 10.91 2.48 -14.51
C LEU B 170 11.88 2.81 -15.63
N TYR B 171 12.33 1.80 -16.35
CA TYR B 171 13.39 1.97 -17.34
C TYR B 171 12.73 2.06 -18.70
N LEU B 172 12.84 3.23 -19.33
CA LEU B 172 12.26 3.49 -20.64
C LEU B 172 13.34 3.30 -21.69
N PRO B 173 13.43 2.14 -22.33
CA PRO B 173 14.52 1.93 -23.28
C PRO B 173 14.46 2.92 -24.42
N SER B 174 15.60 3.14 -25.04
CA SER B 174 15.69 4.03 -26.18
C SER B 174 14.98 3.45 -27.39
N PRO B 175 15.10 2.14 -27.68
CA PRO B 175 14.31 1.57 -28.77
C PRO B 175 12.81 1.87 -28.64
N LEU B 176 12.30 2.06 -27.43
CA LEU B 176 10.89 2.41 -27.30
C LEU B 176 10.60 3.76 -27.90
N ARG B 177 11.44 4.75 -27.61
CA ARG B 177 11.27 6.04 -28.25
C ARG B 177 11.61 5.98 -29.73
N ALA B 178 12.41 5.01 -30.15
CA ALA B 178 12.71 4.86 -31.58
C ALA B 178 11.50 4.35 -32.34
N SER B 179 10.74 3.44 -31.73
CA SER B 179 9.61 2.84 -32.43
C SER B 179 8.40 3.76 -32.37
N ASP B 180 8.17 4.41 -31.25
CA ASP B 180 7.03 5.29 -31.07
C ASP B 180 7.27 6.29 -29.94
N PRO B 181 7.58 7.55 -30.27
CA PRO B 181 7.86 8.53 -29.22
C PRO B 181 6.64 8.99 -28.45
N GLU B 182 5.44 8.73 -28.94
CA GLU B 182 4.26 9.19 -28.22
C GLU B 182 4.04 8.37 -26.97
N ILE B 183 4.09 7.04 -27.10
CA ILE B 183 4.03 6.18 -25.93
C ILE B 183 5.19 6.47 -25.00
N PHE B 184 6.35 6.84 -25.56
CA PHE B 184 7.48 7.16 -24.70
C PHE B 184 7.21 8.38 -23.84
N ASN B 185 6.82 9.49 -24.47
CA ASN B 185 6.56 10.70 -23.70
C ASN B 185 5.39 10.53 -22.75
N MET B 186 4.39 9.74 -23.13
CA MET B 186 3.28 9.50 -22.23
C MET B 186 3.70 8.67 -21.02
N LEU B 187 4.48 7.61 -21.24
CA LEU B 187 4.98 6.83 -20.13
C LEU B 187 5.81 7.70 -19.20
N TYR B 188 6.66 8.55 -19.76
CA TYR B 188 7.44 9.44 -18.93
C TYR B 188 6.55 10.35 -18.10
N LEU B 189 5.50 10.90 -18.71
CA LEU B 189 4.65 11.84 -17.99
C LEU B 189 3.89 11.16 -16.89
N LEU B 190 3.38 9.95 -17.16
CA LEU B 190 2.61 9.25 -16.14
C LEU B 190 3.49 8.78 -15.01
N GLY B 191 4.66 8.22 -15.34
CA GLY B 191 5.61 7.85 -14.30
C GLY B 191 6.10 9.03 -13.51
N CYS B 192 6.11 10.22 -14.11
CA CYS B 192 6.38 11.41 -13.34
C CYS B 192 5.23 11.71 -12.40
N ALA B 193 4.00 11.48 -12.85
CA ALA B 193 2.84 11.68 -11.98
C ALA B 193 2.88 10.71 -10.81
N CYS B 194 2.92 9.42 -11.12
CA CYS B 194 3.10 8.38 -10.11
C CYS B 194 4.60 8.24 -9.82
N ASP B 195 5.17 9.34 -9.29
CA ASP B 195 6.61 9.58 -9.24
C ASP B 195 7.38 8.29 -9.03
N ALA B 196 8.24 7.95 -9.99
CA ALA B 196 8.98 6.71 -9.95
C ALA B 196 10.35 6.97 -10.53
N SER B 197 11.29 6.07 -10.19
CA SER B 197 12.67 6.18 -10.66
C SER B 197 12.70 5.85 -12.15
N ILE B 198 12.37 6.84 -12.96
CA ILE B 198 12.41 6.68 -14.41
C ILE B 198 13.85 6.85 -14.88
N ALA B 199 14.27 5.96 -15.77
CA ALA B 199 15.66 5.88 -16.21
C ALA B 199 15.66 5.62 -17.71
N MET B 200 16.35 6.48 -18.45
CA MET B 200 16.49 6.35 -19.89
C MET B 200 17.92 5.93 -20.21
N ASP B 201 18.13 5.53 -21.46
CA ASP B 201 19.50 5.19 -21.87
C ASP B 201 20.39 6.42 -21.85
N ASN B 202 19.84 7.59 -22.14
CA ASN B 202 20.56 8.85 -22.07
C ASN B 202 19.64 10.03 -22.33
N ILE B 203 19.74 11.06 -21.52
CA ILE B 203 19.00 12.29 -21.75
C ILE B 203 19.92 13.26 -22.48
N SER B 204 19.35 14.05 -23.38
CA SER B 204 20.13 15.00 -24.15
C SER B 204 20.33 16.25 -23.30
N ASN B 205 21.48 16.34 -22.65
CA ASN B 205 21.80 17.46 -21.76
C ASN B 205 21.49 18.70 -22.56
N THR B 206 20.54 19.50 -22.09
CA THR B 206 20.11 20.68 -22.83
C THR B 206 19.36 21.55 -21.83
N SER B 207 20.02 22.59 -21.33
CA SER B 207 19.47 23.48 -20.30
C SER B 207 19.05 22.73 -19.05
N GLY B 208 19.55 21.50 -18.88
CA GLY B 208 19.25 20.72 -17.70
C GLY B 208 20.00 19.41 -17.69
N ALA B 209 20.59 19.07 -16.55
CA ALA B 209 21.33 17.81 -16.46
C ALA B 209 20.39 16.61 -16.51
N ALA B 210 19.27 16.68 -15.81
CA ALA B 210 18.25 15.64 -15.89
C ALA B 210 16.89 16.15 -16.34
N LYS B 211 16.72 17.46 -16.50
CA LYS B 211 15.44 17.98 -16.96
C LYS B 211 15.12 17.45 -18.34
N TYR B 212 13.98 16.78 -18.47
CA TYR B 212 13.55 16.20 -19.73
C TYR B 212 12.54 17.13 -20.36
N SER B 213 12.95 17.79 -21.44
CA SER B 213 12.07 18.68 -22.18
C SER B 213 11.40 17.90 -23.30
N MET B 214 10.12 18.17 -23.52
CA MET B 214 9.36 17.47 -24.54
C MET B 214 8.55 18.48 -25.34
N PRO B 215 8.23 18.16 -26.60
CA PRO B 215 7.52 19.12 -27.45
C PRO B 215 6.08 19.31 -27.02
N HIS B 216 5.64 20.56 -27.04
CA HIS B 216 4.26 20.85 -26.68
C HIS B 216 3.32 20.26 -27.71
N TYR B 217 2.38 19.45 -27.23
CA TYR B 217 1.39 18.81 -28.08
C TYR B 217 0.07 19.56 -28.02
N ASN B 218 -0.63 19.59 -29.14
CA ASN B 218 -2.00 20.03 -29.14
C ASN B 218 -2.84 19.00 -28.38
N PRO B 219 -3.84 19.45 -27.62
CA PRO B 219 -4.59 18.51 -26.76
C PRO B 219 -5.02 17.24 -27.46
N LEU B 220 -5.27 17.28 -28.77
CA LEU B 220 -5.81 16.11 -29.45
C LEU B 220 -4.75 15.03 -29.62
N GLN B 221 -3.57 15.41 -30.10
CA GLN B 221 -2.49 14.44 -30.22
C GLN B 221 -2.08 13.92 -28.85
N LEU B 222 -2.11 14.79 -27.85
CA LEU B 222 -1.85 14.37 -26.48
C LEU B 222 -2.82 13.28 -26.05
N SER B 223 -4.11 13.50 -26.27
CA SER B 223 -5.10 12.52 -25.86
C SER B 223 -4.98 11.23 -26.66
N HIS B 224 -4.66 11.33 -27.94
CA HIS B 224 -4.46 10.11 -28.73
C HIS B 224 -3.28 9.30 -28.22
N ALA B 225 -2.18 9.99 -27.89
CA ALA B 225 -1.04 9.31 -27.30
C ALA B 225 -1.42 8.67 -25.99
N LEU B 226 -2.22 9.37 -25.18
CA LEU B 226 -2.68 8.81 -23.92
C LEU B 226 -3.48 7.53 -24.14
N HIS B 227 -4.36 7.54 -25.12
CA HIS B 227 -5.15 6.34 -25.43
C HIS B 227 -4.24 5.20 -25.84
N VAL B 228 -3.37 5.44 -26.80
CA VAL B 228 -2.56 4.35 -27.32
C VAL B 228 -1.60 3.84 -26.26
N THR B 229 -1.19 4.69 -25.32
CA THR B 229 -0.28 4.21 -24.28
C THR B 229 -1.03 3.47 -23.19
N ILE B 230 -2.27 3.87 -22.89
CA ILE B 230 -3.10 3.07 -22.00
C ILE B 230 -3.20 1.67 -22.54
N PHE B 231 -3.47 1.55 -23.84
CA PHE B 231 -3.60 0.21 -24.41
C PHE B 231 -2.26 -0.51 -24.48
N TYR B 232 -1.17 0.24 -24.67
CA TYR B 232 0.15 -0.37 -24.58
C TYR B 232 0.37 -1.02 -23.23
N MET B 233 0.07 -0.29 -22.16
CA MET B 233 0.30 -0.81 -20.82
C MET B 233 -0.65 -1.95 -20.52
N LEU B 234 -1.89 -1.88 -21.00
CA LEU B 234 -2.81 -2.99 -20.82
C LEU B 234 -2.26 -4.25 -21.48
N SER B 235 -1.78 -4.13 -22.72
CA SER B 235 -1.15 -5.27 -23.38
C SER B 235 0.03 -5.77 -22.59
N LEU B 236 0.84 -4.85 -22.06
CA LEU B 236 2.05 -5.24 -21.35
C LEU B 236 1.72 -6.06 -20.12
N MET B 237 0.79 -5.56 -19.30
CA MET B 237 0.38 -6.29 -18.11
C MET B 237 -0.35 -7.57 -18.47
N ASP B 238 -1.03 -7.61 -19.62
CA ASP B 238 -1.79 -8.78 -19.98
C ASP B 238 -0.89 -9.90 -20.46
N SER B 239 0.25 -9.56 -21.05
CA SER B 239 1.21 -10.58 -21.41
C SER B 239 1.70 -11.36 -20.21
N CYS B 240 1.61 -10.79 -19.01
CA CYS B 240 2.02 -11.45 -17.79
C CYS B 240 0.89 -12.26 -17.14
N GLY B 241 -0.26 -12.33 -17.78
CA GLY B 241 -1.41 -12.94 -17.15
C GLY B 241 -2.12 -11.99 -16.21
N TYR B 242 -1.40 -11.00 -15.70
CA TYR B 242 -1.95 -10.00 -14.80
C TYR B 242 -2.60 -8.87 -15.59
N GLY B 243 -3.70 -9.19 -16.27
CA GLY B 243 -4.42 -8.20 -17.10
C GLY B 243 -5.44 -7.40 -16.30
N ASP B 244 -6.31 -8.13 -15.59
CA ASP B 244 -7.37 -7.56 -14.72
C ASP B 244 -6.49 -7.01 -13.60
N ASP B 245 -5.20 -7.36 -13.57
CA ASP B 245 -4.36 -6.75 -12.50
C ASP B 245 -4.02 -5.31 -12.91
N ALA B 246 -3.83 -5.09 -14.21
CA ALA B 246 -3.54 -3.74 -14.75
C ALA B 246 -4.79 -3.18 -15.44
N VAL B 247 -5.90 -3.92 -15.40
CA VAL B 247 -7.17 -3.49 -16.06
C VAL B 247 -8.04 -2.75 -15.03
N LEU B 248 -8.42 -3.44 -13.94
CA LEU B 248 -9.25 -2.89 -12.85
C LEU B 248 -8.69 -1.51 -12.46
N ALA B 249 -7.37 -1.42 -12.29
CA ALA B 249 -6.74 -0.15 -11.95
C ALA B 249 -7.16 0.94 -12.92
N LEU B 250 -7.20 0.62 -14.21
CA LEU B 250 -7.63 1.62 -15.19
C LEU B 250 -9.03 2.12 -14.89
N THR B 251 -9.95 1.21 -14.60
CA THR B 251 -11.33 1.60 -14.31
C THR B 251 -11.39 2.41 -13.02
N SER B 252 -10.59 2.02 -12.03
CA SER B 252 -10.51 2.78 -10.80
C SER B 252 -10.11 4.22 -11.07
N GLY B 253 -9.07 4.40 -11.89
CA GLY B 253 -8.71 5.73 -12.32
C GLY B 253 -9.85 6.45 -12.99
N LEU B 254 -10.54 5.76 -13.90
CA LEU B 254 -11.68 6.36 -14.58
C LEU B 254 -12.68 6.93 -13.59
N HIS B 255 -13.11 6.11 -12.64
CA HIS B 255 -14.10 6.53 -11.66
C HIS B 255 -13.52 7.40 -10.56
N SER B 256 -12.21 7.63 -10.56
CA SER B 256 -11.63 8.55 -9.60
C SER B 256 -11.85 10.01 -9.96
N VAL B 257 -12.41 10.30 -11.13
CA VAL B 257 -12.54 11.69 -11.57
C VAL B 257 -13.99 12.00 -11.92
N THR B 258 -14.71 11.03 -12.48
CA THR B 258 -16.08 11.23 -12.90
C THR B 258 -17.01 10.56 -11.90
N THR B 259 -17.71 11.38 -11.13
CA THR B 259 -18.78 10.84 -10.30
C THR B 259 -19.91 10.37 -11.20
N VAL B 260 -20.19 9.07 -11.16
CA VAL B 260 -21.28 8.48 -11.92
C VAL B 260 -22.48 8.36 -11.00
N ILE B 261 -23.24 9.45 -10.87
CA ILE B 261 -24.31 9.55 -9.89
C ILE B 261 -25.05 8.22 -9.98
N ALA B 262 -25.27 7.61 -8.82
CA ALA B 262 -25.91 6.30 -8.77
C ALA B 262 -27.41 6.58 -8.85
N HIS B 263 -28.16 5.52 -9.15
CA HIS B 263 -29.61 5.66 -9.15
C HIS B 263 -30.19 5.50 -7.76
N SER B 264 -29.52 4.75 -6.89
CA SER B 264 -30.03 4.44 -5.57
C SER B 264 -28.99 4.83 -4.53
N ASP B 265 -29.47 5.39 -3.42
CA ASP B 265 -28.55 5.81 -2.36
C ASP B 265 -27.84 4.63 -1.74
N GLU B 266 -28.49 3.45 -1.75
CA GLU B 266 -27.83 2.25 -1.24
C GLU B 266 -26.63 1.90 -2.09
N GLY B 267 -26.81 1.77 -3.39
CA GLY B 267 -25.74 1.49 -4.29
C GLY B 267 -24.87 2.70 -4.53
N GLY B 268 -23.81 2.50 -5.30
CA GLY B 268 -22.78 3.49 -5.42
C GLY B 268 -21.77 3.49 -4.30
N ILE B 269 -21.84 2.53 -3.38
CA ILE B 269 -20.75 2.34 -2.44
C ILE B 269 -19.53 1.82 -3.17
N THR B 270 -19.73 1.09 -4.27
CA THR B 270 -18.58 0.62 -5.03
C THR B 270 -17.83 1.77 -5.69
N ARG B 271 -18.49 2.90 -5.91
CA ARG B 271 -17.77 4.07 -6.41
C ARG B 271 -16.71 4.52 -5.41
N ASP B 272 -17.10 4.64 -4.13
CA ASP B 272 -16.13 4.99 -3.10
C ASP B 272 -15.13 3.87 -2.89
N ALA B 273 -15.55 2.62 -3.08
CA ALA B 273 -14.60 1.52 -3.02
C ALA B 273 -13.51 1.67 -4.07
N LEU B 274 -13.90 2.01 -5.29
CA LEU B 274 -12.91 2.21 -6.34
C LEU B 274 -12.03 3.41 -6.05
N ARG B 275 -12.62 4.51 -5.58
CA ARG B 275 -11.82 5.70 -5.31
C ARG B 275 -10.81 5.48 -4.20
N GLU B 276 -11.18 4.66 -3.20
CA GLU B 276 -10.30 4.37 -2.04
C GLU B 276 -9.07 3.57 -2.49
N LEU B 277 -9.15 2.95 -3.67
CA LEU B 277 -8.06 2.07 -4.19
C LEU B 277 -6.88 2.89 -4.74
N SER B 278 -5.66 2.51 -4.35
CA SER B 278 -4.43 3.11 -4.82
C SER B 278 -3.42 2.01 -5.10
N TYR B 279 -2.23 2.41 -5.56
CA TYR B 279 -1.23 1.45 -5.99
C TYR B 279 0.17 1.95 -5.64
N THR B 280 1.11 1.02 -5.58
CA THR B 280 2.48 1.33 -5.25
C THR B 280 3.24 1.76 -6.49
N GLN B 281 4.36 2.44 -6.26
CA GLN B 281 5.03 3.18 -7.32
C GLN B 281 5.43 2.24 -8.45
N PRO B 282 5.25 2.65 -9.69
CA PRO B 282 5.47 1.73 -10.81
C PRO B 282 6.94 1.42 -11.01
N TYR B 283 7.18 0.34 -11.74
CA TYR B 283 8.55 -0.02 -12.08
C TYR B 283 8.51 -0.97 -13.27
N GLY B 284 9.58 -1.71 -13.49
CA GLY B 284 9.71 -2.54 -14.66
C GLY B 284 10.20 -1.73 -15.85
N THR B 285 10.62 -2.45 -16.88
CA THR B 285 11.03 -1.82 -18.13
C THR B 285 9.87 -1.83 -19.12
N MET B 286 10.02 -1.01 -20.16
CA MET B 286 8.96 -0.80 -21.14
C MET B 286 9.44 -1.26 -22.52
N PRO B 287 9.30 -2.53 -22.84
CA PRO B 287 9.68 -3.01 -24.17
C PRO B 287 8.77 -2.45 -25.24
N VAL B 288 9.30 -2.37 -26.46
CA VAL B 288 8.49 -1.95 -27.60
C VAL B 288 7.39 -2.98 -27.83
N PRO B 289 6.16 -2.58 -28.17
CA PRO B 289 5.08 -3.54 -28.30
C PRO B 289 5.41 -4.58 -29.37
N ILE B 290 5.18 -5.85 -29.03
CA ILE B 290 5.47 -6.97 -29.92
C ILE B 290 4.27 -7.18 -30.84
N ALA B 291 4.35 -6.66 -32.06
CA ALA B 291 3.27 -6.77 -33.04
C ALA B 291 1.95 -6.39 -32.40
N GLY B 292 0.97 -7.29 -32.44
CA GLY B 292 -0.25 -7.05 -31.69
C GLY B 292 -0.73 -8.27 -30.94
N TYR B 293 -0.60 -8.24 -29.62
CA TYR B 293 -1.26 -9.21 -28.77
C TYR B 293 -2.58 -8.61 -28.32
N PHE B 294 -2.53 -7.37 -27.85
CA PHE B 294 -3.71 -6.57 -27.59
C PHE B 294 -3.79 -5.36 -28.50
N GLN B 295 -2.67 -4.97 -29.11
CA GLN B 295 -2.64 -3.85 -30.05
C GLN B 295 -3.40 -4.16 -31.34
N HIS B 296 -3.62 -5.43 -31.66
CA HIS B 296 -4.35 -5.77 -32.88
C HIS B 296 -5.75 -5.17 -32.88
N ILE B 297 -6.39 -5.12 -31.70
CA ILE B 297 -7.65 -4.41 -31.53
C ILE B 297 -7.31 -2.95 -31.30
N ASN B 298 -7.60 -2.10 -32.29
CA ASN B 298 -7.37 -0.67 -32.19
C ASN B 298 -8.70 0.05 -32.32
N VAL B 299 -9.14 0.69 -31.24
CA VAL B 299 -10.50 1.23 -31.20
C VAL B 299 -10.63 2.41 -32.16
N LEU B 300 -9.78 3.42 -32.00
CA LEU B 300 -9.72 4.55 -32.91
C LEU B 300 -8.35 4.57 -33.58
N PHE B 301 -8.31 5.05 -34.81
CA PHE B 301 -7.09 5.03 -35.60
C PHE B 301 -6.63 6.41 -36.08
N THR B 302 -7.55 7.34 -36.33
CA THR B 302 -7.14 8.65 -36.79
C THR B 302 -6.28 9.34 -35.73
N THR B 303 -5.16 9.89 -36.16
CA THR B 303 -4.32 10.66 -35.25
C THR B 303 -5.03 11.95 -34.88
N GLN B 304 -4.80 12.40 -33.64
CA GLN B 304 -5.51 13.53 -33.05
C GLN B 304 -7.02 13.50 -33.29
N PRO B 305 -7.70 12.41 -32.93
CA PRO B 305 -9.12 12.30 -33.20
C PRO B 305 -9.91 13.33 -32.41
N ALA B 306 -11.07 13.69 -32.95
CA ALA B 306 -11.87 14.75 -32.36
C ALA B 306 -12.26 14.40 -30.94
N TRP B 307 -12.39 15.43 -30.10
CA TRP B 307 -12.70 15.19 -28.70
C TRP B 307 -14.05 14.50 -28.52
N ASP B 308 -14.98 14.71 -29.46
CA ASP B 308 -16.32 14.16 -29.29
C ASP B 308 -16.30 12.64 -29.33
N GLN B 309 -15.72 12.06 -30.37
CA GLN B 309 -15.72 10.61 -30.49
C GLN B 309 -14.87 9.96 -29.41
N PHE B 310 -13.80 10.62 -29.00
CA PHE B 310 -12.96 10.11 -27.92
C PHE B 310 -13.74 10.10 -26.61
N ALA B 311 -14.34 11.23 -26.27
CA ALA B 311 -15.22 11.29 -25.10
C ALA B 311 -16.32 10.27 -25.18
N GLY B 312 -16.81 9.98 -26.37
CA GLY B 312 -17.81 8.96 -26.54
C GLY B 312 -17.31 7.59 -26.10
N ILE B 313 -16.19 7.17 -26.68
CA ILE B 313 -15.64 5.86 -26.36
C ILE B 313 -15.41 5.75 -24.86
N TRP B 314 -14.82 6.77 -24.26
CA TRP B 314 -14.41 6.58 -22.88
C TRP B 314 -15.55 6.83 -21.89
N ASP B 315 -16.54 7.64 -22.25
CA ASP B 315 -17.73 7.73 -21.41
C ASP B 315 -18.51 6.43 -21.45
N TYR B 316 -18.61 5.80 -22.62
CA TYR B 316 -19.26 4.49 -22.64
C TYR B 316 -18.47 3.48 -21.82
N VAL B 317 -17.15 3.55 -21.83
CA VAL B 317 -16.38 2.63 -21.00
C VAL B 317 -16.66 2.90 -19.53
N ILE B 318 -16.67 4.18 -19.13
CA ILE B 318 -17.04 4.54 -17.77
C ILE B 318 -18.37 3.91 -17.38
N LEU B 319 -19.38 4.08 -18.23
CA LEU B 319 -20.72 3.64 -17.85
C LEU B 319 -20.84 2.13 -17.89
N ALA B 320 -20.16 1.47 -18.82
CA ALA B 320 -20.20 0.01 -18.86
C ALA B 320 -19.55 -0.57 -17.63
N THR B 321 -18.40 -0.04 -17.22
CA THR B 321 -17.81 -0.48 -15.96
C THR B 321 -18.77 -0.25 -14.81
N ALA B 322 -19.28 0.98 -14.70
CA ALA B 322 -20.15 1.31 -13.58
C ALA B 322 -21.40 0.45 -13.56
N ALA B 323 -21.85 -0.01 -14.71
CA ALA B 323 -23.05 -0.84 -14.79
C ALA B 323 -22.75 -2.31 -14.65
N LEU B 324 -21.49 -2.70 -14.78
CA LEU B 324 -21.15 -4.11 -14.64
C LEU B 324 -21.41 -4.62 -13.24
N VAL B 325 -21.46 -3.75 -12.24
CA VAL B 325 -21.77 -4.18 -10.87
C VAL B 325 -23.17 -4.79 -10.81
N HIS B 326 -24.17 -4.09 -11.37
CA HIS B 326 -25.54 -4.57 -11.32
C HIS B 326 -25.65 -5.95 -11.94
N LEU B 327 -24.78 -6.25 -12.90
CA LEU B 327 -24.78 -7.60 -13.53
C LEU B 327 -23.71 -8.47 -12.86
N SER B 328 -22.88 -7.87 -12.00
CA SER B 328 -21.85 -8.62 -11.23
C SER B 328 -22.29 -8.63 -9.76
N ASP B 329 -23.51 -9.10 -9.51
CA ASP B 329 -24.09 -9.14 -8.13
C ASP B 329 -24.35 -10.57 -7.68
N PRO B 330 -23.84 -10.99 -6.49
CA PRO B 330 -24.07 -12.34 -5.97
C PRO B 330 -25.54 -12.52 -5.57
N GLY B 331 -26.08 -13.73 -5.76
CA GLY B 331 -27.50 -14.00 -5.44
C GLY B 331 -27.71 -14.40 -3.99
N MET B 332 -28.47 -13.60 -3.24
CA MET B 332 -28.79 -13.87 -1.85
C MET B 332 -29.93 -14.88 -1.88
N THR B 333 -29.67 -16.10 -1.41
CA THR B 333 -30.65 -17.15 -1.44
C THR B 333 -31.53 -17.06 -0.21
N VAL B 334 -32.84 -17.01 -0.44
CA VAL B 334 -33.84 -17.04 0.61
C VAL B 334 -34.90 -18.03 0.16
N ASN B 335 -35.03 -19.12 0.91
CA ASN B 335 -36.03 -20.14 0.62
C ASN B 335 -35.84 -20.71 -0.77
N ASP B 336 -34.59 -20.99 -1.13
CA ASP B 336 -34.22 -21.52 -2.44
C ASP B 336 -34.64 -20.60 -3.58
N VAL B 337 -34.95 -19.35 -3.29
CA VAL B 337 -35.20 -18.35 -4.31
C VAL B 337 -34.06 -17.35 -4.26
N THR B 338 -33.69 -16.82 -5.42
CA THR B 338 -32.56 -15.91 -5.52
C THR B 338 -33.06 -14.48 -5.56
N TYR B 339 -32.66 -13.69 -4.58
CA TYR B 339 -32.96 -12.27 -4.53
C TYR B 339 -31.68 -11.47 -4.69
N PRO B 340 -31.77 -10.23 -5.14
CA PRO B 340 -30.57 -9.41 -5.26
C PRO B 340 -29.99 -9.11 -3.89
N THR B 341 -28.69 -9.38 -3.73
CA THR B 341 -28.04 -9.33 -2.44
C THR B 341 -28.30 -8.00 -1.75
N THR B 342 -29.06 -8.05 -0.66
CA THR B 342 -29.40 -6.86 0.11
C THR B 342 -28.97 -7.05 1.55
N LEU B 343 -28.40 -6.00 2.12
CA LEU B 343 -27.86 -6.05 3.47
C LEU B 343 -28.88 -5.57 4.48
N THR B 344 -28.68 -5.97 5.72
CA THR B 344 -29.63 -5.67 6.79
C THR B 344 -28.95 -5.78 8.13
N THR B 345 -29.20 -4.81 9.01
CA THR B 345 -28.60 -4.79 10.32
C THR B 345 -29.61 -4.26 11.33
N LYS B 346 -29.38 -4.58 12.59
CA LYS B 346 -30.20 -4.08 13.68
C LYS B 346 -29.53 -2.96 14.46
N VAL B 347 -28.20 -3.00 14.60
CA VAL B 347 -27.50 -1.99 15.39
C VAL B 347 -27.69 -0.62 14.78
N ALA B 348 -27.97 0.35 15.63
CA ALA B 348 -28.32 1.68 15.16
C ALA B 348 -27.12 2.37 14.51
N THR B 349 -27.42 3.31 13.63
CA THR B 349 -26.37 4.10 13.01
C THR B 349 -25.82 5.12 13.99
N VAL B 350 -24.51 5.24 14.03
CA VAL B 350 -23.82 6.18 14.89
C VAL B 350 -22.91 7.04 14.03
N ASP B 351 -23.19 8.34 13.99
CA ASP B 351 -22.46 9.28 13.17
C ASP B 351 -22.47 8.86 11.70
N GLY B 352 -23.59 8.29 11.27
CA GLY B 352 -23.73 7.96 9.86
C GLY B 352 -23.02 6.71 9.41
N ARG B 353 -22.87 5.72 10.28
CA ARG B 353 -22.21 4.48 9.90
C ARG B 353 -22.86 3.32 10.65
N ASN B 354 -22.87 2.15 10.00
CA ASN B 354 -23.26 0.89 10.62
C ASN B 354 -22.12 -0.10 10.47
N SER B 355 -21.36 -0.29 11.55
CA SER B 355 -20.23 -1.20 11.49
C SER B 355 -20.67 -2.60 11.09
N ASP B 356 -21.88 -3.00 11.49
CA ASP B 356 -22.35 -4.32 11.13
C ASP B 356 -22.80 -4.36 9.67
N LEU B 357 -23.38 -3.26 9.19
CA LEU B 357 -23.66 -3.16 7.76
C LEU B 357 -22.39 -3.26 6.95
N ALA B 358 -21.32 -2.60 7.41
CA ALA B 358 -20.03 -2.72 6.73
C ALA B 358 -19.51 -4.15 6.77
N ALA B 359 -19.68 -4.82 7.91
CA ALA B 359 -19.22 -6.19 8.02
C ALA B 359 -19.95 -7.10 7.02
N GLN B 360 -21.27 -6.94 6.95
CA GLN B 360 -22.02 -7.73 5.97
C GLN B 360 -21.67 -7.33 4.54
N MET B 361 -21.35 -6.06 4.31
CA MET B 361 -20.92 -5.65 2.98
C MET B 361 -19.64 -6.35 2.60
N MET B 362 -18.74 -6.52 3.56
CA MET B 362 -17.52 -7.26 3.30
C MET B 362 -17.82 -8.74 3.05
N HIS B 363 -18.68 -9.33 3.87
CA HIS B 363 -18.98 -10.74 3.69
C HIS B 363 -19.71 -11.02 2.38
N SER B 364 -20.36 -10.03 1.80
CA SER B 364 -20.91 -10.18 0.45
C SER B 364 -19.87 -9.87 -0.62
N ALA B 365 -19.04 -8.85 -0.39
CA ALA B 365 -18.02 -8.50 -1.36
C ALA B 365 -17.04 -9.65 -1.55
N THR B 366 -16.91 -10.51 -0.54
CA THR B 366 -16.03 -11.67 -0.66
C THR B 366 -16.29 -12.44 -1.95
N ARG B 367 -17.55 -12.50 -2.37
CA ARG B 367 -17.93 -13.13 -3.63
C ARG B 367 -18.21 -12.11 -4.73
N PHE B 368 -18.80 -10.98 -4.36
CA PHE B 368 -19.08 -9.95 -5.34
C PHE B 368 -17.84 -9.51 -6.09
N CYS B 369 -16.69 -9.53 -5.43
CA CYS B 369 -15.50 -8.97 -6.04
C CYS B 369 -14.92 -9.92 -7.08
N ASP B 370 -14.91 -11.23 -6.80
CA ASP B 370 -14.41 -12.12 -7.83
C ASP B 370 -15.40 -12.21 -8.98
N ILE B 371 -16.71 -12.12 -8.72
CA ILE B 371 -17.65 -12.09 -9.83
C ILE B 371 -17.46 -10.82 -10.65
N PHE B 372 -17.30 -9.69 -9.99
CA PHE B 372 -17.12 -8.41 -10.67
C PHE B 372 -15.86 -8.42 -11.52
N VAL B 373 -14.76 -8.96 -10.99
CA VAL B 373 -13.54 -8.97 -11.77
C VAL B 373 -13.64 -9.97 -12.91
N GLU B 374 -14.41 -11.05 -12.74
CA GLU B 374 -14.63 -11.94 -13.87
C GLU B 374 -15.36 -11.22 -14.98
N ASN B 375 -16.39 -10.46 -14.63
CA ASN B 375 -17.13 -9.74 -15.65
C ASN B 375 -16.29 -8.63 -16.26
N LEU B 376 -15.43 -7.98 -15.46
CA LEU B 376 -14.56 -6.95 -16.01
C LEU B 376 -13.53 -7.53 -16.97
N SER B 377 -12.90 -8.64 -16.59
CA SER B 377 -11.98 -9.32 -17.49
C SER B 377 -12.68 -9.66 -18.80
N THR B 378 -13.86 -10.27 -18.72
CA THR B 378 -14.57 -10.57 -19.95
C THR B 378 -15.13 -9.33 -20.63
N PHE B 379 -15.13 -8.19 -19.95
CA PHE B 379 -15.55 -6.94 -20.59
C PHE B 379 -14.43 -6.29 -21.38
N TRP B 380 -13.19 -6.39 -20.91
CA TRP B 380 -12.06 -5.89 -21.67
C TRP B 380 -11.36 -6.99 -22.46
N GLY B 381 -11.82 -8.22 -22.33
CA GLY B 381 -11.21 -9.34 -23.03
C GLY B 381 -9.89 -9.79 -22.48
N VAL B 382 -9.32 -9.06 -21.52
CA VAL B 382 -8.08 -9.52 -20.90
C VAL B 382 -8.33 -10.87 -20.24
N VAL B 383 -7.43 -11.82 -20.48
CA VAL B 383 -7.66 -13.17 -19.97
C VAL B 383 -7.56 -13.16 -18.46
N ALA B 384 -8.31 -14.06 -17.83
CA ALA B 384 -8.29 -14.18 -16.39
C ALA B 384 -7.08 -14.98 -15.94
N ASN B 385 -6.81 -14.92 -14.64
CA ASN B 385 -5.75 -15.72 -14.05
C ASN B 385 -6.26 -16.38 -12.78
N PRO B 386 -5.66 -17.52 -12.39
CA PRO B 386 -6.22 -18.25 -11.25
C PRO B 386 -6.06 -17.55 -9.92
N ASP B 387 -4.89 -16.97 -9.66
CA ASP B 387 -4.61 -16.42 -8.34
C ASP B 387 -5.58 -15.32 -7.94
N GLY B 388 -6.21 -14.67 -8.91
CA GLY B 388 -7.19 -13.64 -8.61
C GLY B 388 -6.67 -12.53 -7.72
N ASN B 389 -5.53 -11.95 -8.08
CA ASN B 389 -4.99 -10.86 -7.29
C ASN B 389 -5.89 -9.64 -7.34
N ALA B 390 -6.48 -9.37 -8.49
CA ALA B 390 -7.36 -8.22 -8.64
C ALA B 390 -8.49 -8.26 -7.62
N SER B 391 -9.12 -9.43 -7.46
CA SER B 391 -10.15 -9.59 -6.45
C SER B 391 -9.61 -9.24 -5.08
N GLN B 392 -8.37 -9.65 -4.78
CA GLN B 392 -7.77 -9.31 -3.49
C GLN B 392 -7.68 -7.80 -3.33
N ALA B 393 -7.19 -7.12 -4.36
CA ALA B 393 -7.02 -5.67 -4.27
C ALA B 393 -8.36 -4.97 -4.06
N LEU B 394 -9.38 -5.41 -4.78
CA LEU B 394 -10.67 -4.75 -4.66
C LEU B 394 -11.30 -5.05 -3.31
N LEU B 395 -11.13 -6.27 -2.81
CA LEU B 395 -11.64 -6.62 -1.49
C LEU B 395 -10.96 -5.79 -0.42
N HIS B 396 -9.66 -5.55 -0.59
CA HIS B 396 -8.94 -4.68 0.33
C HIS B 396 -9.47 -3.25 0.25
N ALA B 397 -9.80 -2.79 -0.95
CA ALA B 397 -10.36 -1.45 -1.07
C ALA B 397 -11.71 -1.35 -0.36
N PHE B 398 -12.54 -2.39 -0.50
CA PHE B 398 -13.78 -2.43 0.25
C PHE B 398 -13.52 -2.39 1.75
N ASN B 399 -12.56 -3.18 2.21
CA ASN B 399 -12.20 -3.16 3.62
C ASN B 399 -11.82 -1.76 4.07
N ILE B 400 -11.09 -1.03 3.23
CA ILE B 400 -10.67 0.32 3.59
C ILE B 400 -11.86 1.25 3.66
N VAL B 401 -12.77 1.17 2.70
CA VAL B 401 -13.95 2.02 2.72
C VAL B 401 -14.94 1.62 3.80
N ALA B 402 -14.79 0.42 4.37
CA ALA B 402 -15.68 -0.02 5.44
C ALA B 402 -15.20 0.52 6.79
N CYS B 403 -13.93 0.30 7.11
CA CYS B 403 -13.41 0.64 8.43
C CYS B 403 -13.04 2.10 8.57
N ALA B 404 -13.32 2.93 7.57
CA ALA B 404 -12.97 4.34 7.65
C ALA B 404 -13.84 5.05 8.67
N VAL B 405 -13.20 5.76 9.60
CA VAL B 405 -13.90 6.40 10.70
C VAL B 405 -14.31 7.81 10.27
N GLU B 406 -15.22 7.89 9.31
CA GLU B 406 -15.71 9.17 8.83
C GLU B 406 -17.22 9.08 8.59
N PRO B 407 -17.95 10.16 8.84
CA PRO B 407 -19.37 10.17 8.48
C PRO B 407 -19.54 9.88 7.01
N ASN B 408 -20.04 8.68 6.72
CA ASN B 408 -20.08 8.17 5.35
C ASN B 408 -21.53 7.90 4.98
N ARG B 409 -22.10 8.78 4.15
CA ARG B 409 -23.30 8.43 3.42
C ARG B 409 -23.04 7.17 2.60
N HIS B 410 -24.13 6.58 2.11
CA HIS B 410 -24.21 5.21 1.62
C HIS B 410 -24.21 4.21 2.74
N LEU B 411 -24.16 4.65 4.00
CA LEU B 411 -24.24 3.75 5.14
C LEU B 411 -25.03 4.34 6.29
N GLU B 412 -25.87 5.35 6.02
CA GLU B 412 -26.77 5.90 7.03
C GLU B 412 -27.91 4.95 7.35
N MET B 413 -27.94 3.79 6.71
CA MET B 413 -29.12 2.96 6.62
C MET B 413 -28.94 1.70 7.45
N ASN B 414 -30.07 1.12 7.85
CA ASN B 414 -30.05 -0.18 8.50
C ASN B 414 -30.34 -1.32 7.54
N VAL B 415 -30.94 -1.02 6.39
CA VAL B 415 -31.10 -1.97 5.30
C VAL B 415 -30.62 -1.29 4.02
N MET B 416 -29.81 -2.01 3.23
CA MET B 416 -29.15 -1.41 2.09
C MET B 416 -28.91 -2.45 1.02
N ALA B 417 -29.00 -2.03 -0.24
CA ALA B 417 -28.71 -2.88 -1.38
C ALA B 417 -27.40 -2.44 -2.00
N PRO B 418 -26.34 -3.21 -1.88
CA PRO B 418 -25.01 -2.69 -2.24
C PRO B 418 -24.62 -2.91 -3.68
N TRP B 419 -25.11 -3.98 -4.31
CA TRP B 419 -24.60 -4.40 -5.60
C TRP B 419 -25.58 -3.96 -6.67
N TYR B 420 -25.65 -2.64 -6.82
CA TYR B 420 -26.39 -1.99 -7.88
C TYR B 420 -26.03 -0.52 -7.87
N TRP B 421 -25.19 -0.11 -8.79
CA TRP B 421 -24.71 1.27 -8.83
C TRP B 421 -25.40 2.07 -9.91
N VAL B 422 -25.45 1.55 -11.13
CA VAL B 422 -26.10 2.25 -12.21
C VAL B 422 -26.76 1.21 -13.11
N GLU B 423 -27.98 1.51 -13.55
CA GLU B 423 -28.80 0.56 -14.29
C GLU B 423 -28.08 0.06 -15.53
N SER B 424 -27.94 -1.26 -15.63
CA SER B 424 -27.13 -1.87 -16.67
C SER B 424 -27.95 -2.32 -17.88
N SER B 425 -29.20 -1.90 -17.97
CA SER B 425 -30.06 -2.27 -19.09
C SER B 425 -29.91 -1.25 -20.21
N ALA B 426 -29.97 -1.74 -21.44
CA ALA B 426 -29.74 -0.92 -22.63
C ALA B 426 -28.38 -0.23 -22.57
N LEU B 427 -27.33 -1.06 -22.50
CA LEU B 427 -25.98 -0.53 -22.52
C LEU B 427 -24.99 -1.49 -23.16
N PHE B 428 -25.43 -2.61 -23.71
CA PHE B 428 -24.51 -3.56 -24.30
C PHE B 428 -25.13 -4.11 -25.56
N CYS B 429 -24.33 -4.27 -26.61
CA CYS B 429 -24.82 -4.96 -27.80
C CYS B 429 -25.33 -6.35 -27.46
N ASP B 430 -24.77 -6.98 -26.43
CA ASP B 430 -25.37 -8.17 -25.82
C ASP B 430 -24.64 -8.45 -24.51
N TYR B 431 -25.27 -9.28 -23.67
CA TYR B 431 -24.75 -9.66 -22.37
C TYR B 431 -24.37 -11.12 -22.30
N ALA B 432 -24.24 -11.78 -23.44
CA ALA B 432 -23.94 -13.22 -23.44
C ALA B 432 -22.70 -13.61 -22.65
N PRO B 433 -21.55 -12.92 -22.74
CA PRO B 433 -20.35 -13.46 -22.09
C PRO B 433 -20.26 -13.23 -20.60
N PHE B 434 -21.07 -12.33 -20.04
CA PHE B 434 -20.90 -11.95 -18.65
C PHE B 434 -21.39 -13.05 -17.73
N ARG B 435 -20.52 -13.50 -16.83
CA ARG B 435 -20.89 -14.46 -15.80
C ARG B 435 -21.51 -13.69 -14.65
N SER B 436 -22.83 -13.63 -14.63
CA SER B 436 -23.57 -12.96 -13.57
C SER B 436 -24.76 -13.81 -13.15
N PRO B 437 -24.78 -14.31 -11.92
CA PRO B 437 -25.89 -15.18 -11.50
C PRO B 437 -27.17 -14.43 -11.24
N ILE B 438 -27.13 -13.11 -11.09
CA ILE B 438 -28.34 -12.33 -10.93
C ILE B 438 -29.09 -12.15 -12.23
N SER B 439 -28.48 -12.51 -13.36
CA SER B 439 -29.19 -12.47 -14.64
C SER B 439 -29.82 -13.80 -15.00
N SER B 440 -29.34 -14.91 -14.44
CA SER B 440 -30.10 -16.15 -14.56
C SER B 440 -31.40 -16.04 -13.79
N ALA B 441 -31.37 -15.43 -12.62
CA ALA B 441 -32.59 -14.92 -12.02
C ALA B 441 -33.03 -13.67 -12.76
N GLY B 442 -34.23 -13.21 -12.45
CA GLY B 442 -34.89 -12.22 -13.27
C GLY B 442 -34.30 -10.83 -13.25
N TYR B 443 -33.24 -10.58 -12.50
CA TYR B 443 -32.88 -9.23 -12.11
C TYR B 443 -31.68 -8.69 -12.90
N GLY B 444 -31.57 -9.05 -14.17
CA GLY B 444 -30.42 -8.62 -14.92
C GLY B 444 -30.70 -7.38 -15.74
N PRO B 445 -30.53 -7.49 -17.05
CA PRO B 445 -30.96 -6.40 -17.93
C PRO B 445 -32.46 -6.42 -18.11
N GLN B 446 -33.02 -5.25 -18.39
CA GLN B 446 -34.41 -5.20 -18.83
C GLN B 446 -34.54 -5.15 -20.34
N CYS B 447 -33.62 -4.52 -21.05
CA CYS B 447 -33.63 -4.55 -22.50
C CYS B 447 -32.22 -4.52 -23.04
N VAL B 448 -31.86 -5.56 -23.79
CA VAL B 448 -30.62 -5.54 -24.54
C VAL B 448 -30.67 -4.44 -25.58
N TYR B 449 -29.52 -3.83 -25.85
CA TYR B 449 -29.45 -2.79 -26.86
C TYR B 449 -29.45 -3.41 -28.25
N GLY B 450 -30.17 -2.77 -29.16
CA GLY B 450 -30.24 -3.24 -30.54
C GLY B 450 -31.03 -4.51 -30.72
N ALA B 451 -31.86 -4.87 -29.75
CA ALA B 451 -32.68 -6.06 -29.88
C ALA B 451 -33.99 -5.86 -29.13
N ARG B 452 -34.99 -6.63 -29.52
CA ARG B 452 -36.28 -6.62 -28.87
C ARG B 452 -36.31 -7.82 -27.93
N LEU B 453 -36.46 -7.57 -26.63
CA LEU B 453 -36.33 -8.61 -25.63
C LEU B 453 -37.69 -8.91 -25.02
N VAL B 454 -38.12 -10.17 -25.10
CA VAL B 454 -39.38 -10.62 -24.53
C VAL B 454 -39.12 -11.26 -23.18
N LEU B 455 -39.81 -10.76 -22.15
CA LEU B 455 -39.64 -11.26 -20.80
C LEU B 455 -41.00 -11.33 -20.12
N ALA B 456 -41.04 -12.05 -19.00
CA ALA B 456 -42.29 -12.24 -18.27
C ALA B 456 -42.75 -10.95 -17.62
N ALA B 457 -44.02 -10.61 -17.81
CA ALA B 457 -44.52 -9.31 -17.39
C ALA B 457 -45.03 -9.28 -15.95
N THR B 458 -45.30 -10.44 -15.36
CA THR B 458 -45.53 -10.53 -13.92
C THR B 458 -44.95 -11.84 -13.41
N ASN B 459 -44.92 -11.96 -12.08
CA ASN B 459 -44.40 -13.17 -11.46
C ASN B 459 -45.39 -14.31 -11.66
N SER B 460 -45.08 -15.45 -11.06
CA SER B 460 -46.01 -16.57 -11.12
C SER B 460 -47.27 -15.94 -10.56
N LEU B 461 -48.36 -16.01 -11.31
CA LEU B 461 -49.56 -15.25 -11.04
C LEU B 461 -50.72 -16.26 -11.01
N GLU B 462 -51.76 -15.91 -10.26
CA GLU B 462 -53.00 -16.65 -10.28
C GLU B 462 -54.15 -15.69 -10.04
N PHE B 463 -55.22 -15.84 -10.82
CA PHE B 463 -56.43 -15.04 -10.60
C PHE B 463 -57.16 -15.52 -9.36
N THR B 464 -57.63 -14.57 -8.55
CA THR B 464 -58.32 -14.88 -7.31
C THR B 464 -59.46 -13.88 -7.08
N GLY B 465 -60.49 -13.97 -7.90
CA GLY B 465 -61.71 -13.25 -7.64
C GLY B 465 -61.80 -11.95 -8.43
N GLU B 466 -63.04 -11.52 -8.65
CA GLU B 466 -63.32 -10.24 -9.31
C GLU B 466 -64.59 -9.68 -8.69
N ALA B 467 -64.42 -8.77 -7.74
CA ALA B 467 -65.55 -8.08 -7.15
C ALA B 467 -65.93 -6.90 -8.04
N GLY B 468 -66.83 -6.05 -7.54
CA GLY B 468 -67.20 -4.85 -8.24
C GLY B 468 -65.99 -4.00 -8.57
N ASP B 469 -65.82 -3.68 -9.85
CA ASP B 469 -64.74 -2.83 -10.36
C ASP B 469 -63.38 -3.12 -9.74
N TYR B 470 -63.11 -4.38 -9.40
CA TYR B 470 -61.80 -4.79 -8.92
C TYR B 470 -61.58 -6.23 -9.33
N SER B 471 -60.36 -6.55 -9.74
CA SER B 471 -59.97 -7.94 -9.95
C SER B 471 -58.70 -8.20 -9.16
N ALA B 472 -58.73 -9.20 -8.28
CA ALA B 472 -57.62 -9.50 -7.42
C ALA B 472 -56.78 -10.64 -7.98
N TYR B 473 -55.47 -10.54 -7.78
CA TYR B 473 -54.52 -11.55 -8.24
C TYR B 473 -53.50 -11.82 -7.14
N ARG B 474 -53.24 -13.09 -6.89
CA ARG B 474 -52.17 -13.51 -5.98
C ARG B 474 -50.87 -13.64 -6.76
N PHE B 475 -49.86 -12.87 -6.38
CA PHE B 475 -48.71 -12.64 -7.24
C PHE B 475 -47.53 -13.57 -7.03
N GLU B 476 -47.52 -14.40 -5.99
CA GLU B 476 -46.30 -15.09 -5.59
C GLU B 476 -45.12 -14.13 -5.69
N TRP B 477 -45.31 -12.96 -5.10
CA TRP B 477 -44.43 -11.82 -5.31
C TRP B 477 -43.00 -12.14 -4.90
N THR B 478 -42.05 -11.60 -5.66
CA THR B 478 -40.65 -11.73 -5.29
C THR B 478 -39.97 -10.36 -5.22
N THR B 479 -40.03 -9.58 -6.28
CA THR B 479 -39.41 -8.25 -6.28
C THR B 479 -40.13 -7.38 -7.28
N MET B 480 -40.21 -6.08 -6.96
CA MET B 480 -40.84 -5.12 -7.86
C MET B 480 -40.29 -5.23 -9.27
N ARG B 481 -38.96 -5.19 -9.40
CA ARG B 481 -38.36 -5.24 -10.73
C ARG B 481 -38.76 -6.51 -11.46
N HIS B 482 -38.86 -7.62 -10.75
CA HIS B 482 -39.03 -8.91 -11.40
C HIS B 482 -40.24 -8.93 -12.33
N ASN B 483 -41.23 -8.09 -12.08
CA ASN B 483 -42.36 -7.91 -12.97
C ASN B 483 -42.40 -6.47 -13.47
N PRO B 484 -42.32 -6.23 -14.76
CA PRO B 484 -42.14 -4.86 -15.24
C PRO B 484 -43.42 -4.19 -15.69
N LEU B 485 -44.51 -4.94 -15.80
CA LEU B 485 -45.78 -4.34 -16.23
C LEU B 485 -46.12 -3.09 -15.44
N PHE B 486 -45.64 -3.01 -14.20
CA PHE B 486 -46.01 -1.90 -13.36
C PHE B 486 -45.38 -0.59 -13.81
N ASN B 487 -44.21 -0.64 -14.44
CA ASN B 487 -43.67 0.61 -14.98
C ASN B 487 -44.35 1.00 -16.28
N ILE B 488 -44.91 0.04 -17.02
CA ILE B 488 -45.80 0.39 -18.11
C ILE B 488 -47.00 1.14 -17.58
N LEU B 489 -47.60 0.63 -16.50
CA LEU B 489 -48.73 1.30 -15.91
C LEU B 489 -48.34 2.64 -15.29
N ASN B 490 -47.10 2.77 -14.83
CA ASN B 490 -46.66 4.01 -14.20
C ASN B 490 -46.33 5.07 -15.25
N LYS B 491 -45.65 4.67 -16.31
CA LYS B 491 -45.35 5.57 -17.42
C LYS B 491 -46.45 5.57 -18.46
N ARG B 492 -47.63 5.07 -18.12
CA ARG B 492 -48.76 5.21 -19.01
C ARG B 492 -49.21 6.65 -19.03
N VAL B 493 -49.61 7.13 -20.22
CA VAL B 493 -50.06 8.51 -20.32
C VAL B 493 -51.32 8.74 -19.50
N GLY B 494 -52.06 7.69 -19.18
CA GLY B 494 -53.19 7.81 -18.30
C GLY B 494 -52.80 7.81 -16.84
N ASP B 495 -53.56 7.12 -16.01
CA ASP B 495 -53.29 7.05 -14.59
C ASP B 495 -52.11 6.13 -14.32
N GLY B 496 -51.13 6.64 -13.58
CA GLY B 496 -49.96 5.86 -13.24
C GLY B 496 -50.12 5.04 -11.97
N LEU B 497 -50.60 3.80 -12.12
CA LEU B 497 -50.77 2.86 -11.02
C LEU B 497 -51.70 3.37 -9.93
N ALA B 498 -52.41 4.46 -10.17
CA ALA B 498 -53.36 4.92 -9.16
C ALA B 498 -54.56 3.99 -9.03
N ASN B 499 -54.71 3.05 -9.96
CA ASN B 499 -55.82 2.11 -9.94
C ASN B 499 -55.41 0.74 -9.43
N VAL B 500 -54.12 0.49 -9.25
CA VAL B 500 -53.62 -0.79 -8.76
C VAL B 500 -53.24 -0.61 -7.31
N ASP B 501 -53.64 -1.55 -6.47
CA ASP B 501 -53.33 -1.44 -5.04
C ASP B 501 -53.16 -2.84 -4.46
N PHE B 502 -52.77 -2.88 -3.20
CA PHE B 502 -52.49 -4.13 -2.51
C PHE B 502 -53.64 -4.52 -1.60
N ARG B 503 -53.63 -5.78 -1.19
CA ARG B 503 -54.45 -6.29 -0.09
C ARG B 503 -53.46 -6.74 0.97
N LEU B 504 -53.03 -5.80 1.80
CA LEU B 504 -52.07 -6.11 2.83
C LEU B 504 -52.71 -6.87 3.97
N ARG B 505 -51.95 -7.78 4.53
CA ARG B 505 -52.38 -8.68 5.59
C ARG B 505 -51.38 -8.52 6.72
N PRO B 506 -51.49 -9.26 7.82
CA PRO B 506 -50.39 -9.24 8.79
C PRO B 506 -49.08 -9.70 8.20
N PHE B 507 -49.11 -10.66 7.28
CA PHE B 507 -47.90 -11.40 6.98
C PHE B 507 -47.06 -10.79 5.86
N ASN B 508 -47.68 -10.16 4.87
CA ASN B 508 -46.90 -9.61 3.77
C ASN B 508 -46.19 -8.35 4.25
N GLU B 509 -44.91 -8.48 4.55
CA GLU B 509 -44.11 -7.37 5.03
C GLU B 509 -43.23 -6.84 3.90
N TRP B 510 -43.02 -5.53 3.91
CA TRP B 510 -42.32 -4.85 2.83
C TRP B 510 -40.88 -4.56 3.23
N LEU B 511 -39.96 -4.92 2.34
CA LEU B 511 -38.55 -4.63 2.51
C LEU B 511 -38.14 -3.58 1.49
N LEU B 512 -37.55 -2.48 1.96
CA LEU B 512 -37.16 -1.36 1.11
C LEU B 512 -38.37 -0.72 0.45
N GLU B 513 -39.51 -0.73 1.14
CA GLU B 513 -40.76 -0.20 0.62
C GLU B 513 -40.63 1.22 0.12
N GLY B 514 -41.59 1.67 -0.68
CA GLY B 514 -41.45 2.88 -1.45
C GLY B 514 -41.34 4.18 -0.68
N GLN B 515 -42.36 4.54 0.08
CA GLN B 515 -42.42 5.84 0.73
C GLN B 515 -42.90 5.67 2.16
N PRO B 516 -41.99 5.69 3.13
CA PRO B 516 -42.43 5.53 4.53
C PRO B 516 -43.18 6.72 5.05
N SER B 517 -42.90 7.91 4.53
CA SER B 517 -43.51 9.12 5.07
C SER B 517 -45.03 9.12 4.95
N ARG B 518 -45.59 8.31 4.04
CA ARG B 518 -47.03 8.25 3.91
C ARG B 518 -47.66 7.51 5.08
N ARG B 519 -47.00 6.45 5.57
CA ARG B 519 -47.56 5.58 6.60
C ARG B 519 -46.96 5.82 7.96
N ASP B 541 -54.43 3.12 -0.25
CA ASP B 541 -53.61 1.91 -0.37
C ASP B 541 -53.09 1.71 -1.78
N THR B 542 -53.28 2.68 -2.67
CA THR B 542 -52.89 2.52 -4.06
C THR B 542 -51.40 2.24 -4.19
N LEU B 543 -51.04 1.48 -5.21
CA LEU B 543 -49.69 0.94 -5.30
C LEU B 543 -48.65 2.03 -5.52
N ASP B 544 -49.00 3.09 -6.26
CA ASP B 544 -48.00 4.11 -6.56
C ASP B 544 -47.46 4.78 -5.31
N GLU B 545 -48.06 4.54 -4.15
CA GLU B 545 -47.45 4.97 -2.91
C GLU B 545 -46.35 4.02 -2.47
N TYR B 546 -46.51 2.73 -2.75
CA TYR B 546 -45.53 1.74 -2.32
C TYR B 546 -44.34 1.65 -3.25
N ILE B 547 -44.33 2.42 -4.34
CA ILE B 547 -43.12 2.60 -5.11
C ILE B 547 -42.45 3.85 -4.60
N TRP B 548 -41.27 4.17 -5.14
CA TRP B 548 -40.42 5.20 -4.59
C TRP B 548 -40.25 6.39 -5.49
N GLY B 549 -40.64 6.29 -6.76
CA GLY B 549 -40.63 7.42 -7.64
C GLY B 549 -39.21 7.85 -7.96
N SER B 550 -38.39 6.90 -8.34
CA SER B 550 -37.04 7.19 -8.78
C SER B 550 -37.12 8.04 -10.04
N THR B 551 -36.79 9.32 -9.93
CA THR B 551 -36.97 10.20 -11.07
C THR B 551 -35.84 10.04 -12.07
N SER B 552 -34.84 9.23 -11.73
CA SER B 552 -33.83 8.78 -12.64
C SER B 552 -34.02 7.28 -12.82
N CYS B 553 -33.73 6.78 -14.02
CA CYS B 553 -33.87 5.35 -14.28
C CYS B 553 -35.25 4.85 -13.86
N ASP B 554 -36.26 5.22 -14.64
CA ASP B 554 -37.65 4.88 -14.33
C ASP B 554 -37.76 3.41 -13.94
N LEU B 555 -36.94 2.58 -14.56
CA LEU B 555 -36.94 1.14 -14.28
C LEU B 555 -36.79 0.88 -12.78
N PHE B 556 -37.63 0.00 -12.28
CA PHE B 556 -37.63 -0.46 -10.90
C PHE B 556 -36.29 -0.98 -10.43
N HIS B 557 -35.80 -0.41 -9.34
CA HIS B 557 -34.52 -0.81 -8.77
C HIS B 557 -34.60 -2.23 -8.22
N PRO B 558 -33.70 -3.13 -8.63
CA PRO B 558 -33.72 -4.49 -8.08
C PRO B 558 -33.68 -4.46 -6.56
N ALA B 559 -34.49 -5.31 -5.95
CA ALA B 559 -34.73 -5.28 -4.51
C ALA B 559 -35.14 -3.88 -4.07
N GLU B 560 -36.32 -3.47 -4.53
CA GLU B 560 -36.98 -2.34 -3.91
C GLU B 560 -38.26 -2.73 -3.19
N LEU B 561 -39.18 -3.42 -3.85
CA LEU B 561 -40.37 -3.90 -3.17
C LEU B 561 -40.30 -5.42 -3.05
N THR B 562 -39.32 -5.90 -2.29
CA THR B 562 -39.18 -7.32 -2.07
C THR B 562 -40.15 -7.80 -0.99
N SER B 563 -40.49 -9.07 -1.08
CA SER B 563 -41.28 -9.74 -0.06
C SER B 563 -41.24 -11.24 -0.28
N TYR B 564 -40.92 -11.99 0.75
CA TYR B 564 -40.78 -13.43 0.60
C TYR B 564 -42.11 -14.17 0.61
N THR B 565 -43.22 -13.46 0.73
CA THR B 565 -44.53 -14.07 0.73
C THR B 565 -45.24 -13.73 -0.58
N ALA B 566 -46.40 -14.36 -0.76
CA ALA B 566 -47.26 -13.94 -1.85
C ALA B 566 -47.97 -12.65 -1.46
N VAL B 567 -48.52 -11.98 -2.47
CA VAL B 567 -49.23 -10.73 -2.25
C VAL B 567 -50.46 -10.71 -3.15
N CYS B 568 -51.60 -10.33 -2.59
CA CYS B 568 -52.80 -10.14 -3.37
C CYS B 568 -52.87 -8.69 -3.80
N VAL B 569 -53.20 -8.46 -5.07
CA VAL B 569 -53.17 -7.13 -5.66
C VAL B 569 -54.45 -6.94 -6.46
N ARG B 570 -55.12 -5.83 -6.25
CA ARG B 570 -56.35 -5.52 -6.96
C ARG B 570 -56.09 -4.50 -8.05
N PHE B 571 -56.62 -4.77 -9.23
CA PHE B 571 -56.69 -3.81 -10.32
C PHE B 571 -58.09 -3.23 -10.36
N ARG B 572 -58.18 -1.90 -10.34
CA ARG B 572 -59.45 -1.21 -10.34
C ARG B 572 -59.84 -0.94 -11.79
N ASN B 573 -60.71 -1.79 -12.34
CA ASN B 573 -61.10 -1.64 -13.73
C ASN B 573 -62.07 -0.48 -13.93
N TYR B 574 -63.15 -0.44 -13.15
CA TYR B 574 -64.20 0.54 -13.35
C TYR B 574 -64.18 1.58 -12.23
N LEU B 575 -64.85 2.70 -12.49
CA LEU B 575 -65.13 3.66 -11.45
C LEU B 575 -66.29 3.15 -10.58
N SER B 576 -66.68 3.98 -9.62
CA SER B 576 -67.73 3.60 -8.69
C SER B 576 -69.01 3.23 -9.42
N GLY B 577 -69.56 2.07 -9.08
CA GLY B 577 -70.87 1.69 -9.55
C GLY B 577 -71.96 2.32 -8.72
N ALA B 578 -73.20 1.99 -9.09
CA ALA B 578 -74.41 2.53 -8.48
C ALA B 578 -74.51 4.04 -8.63
N ASP B 579 -73.64 4.65 -9.42
CA ASP B 579 -73.69 6.06 -9.71
C ASP B 579 -74.30 6.27 -11.09
N GLY B 580 -74.36 7.53 -11.52
CA GLY B 580 -74.83 7.81 -12.85
C GLY B 580 -73.92 7.30 -13.95
N ASP B 581 -72.70 6.90 -13.61
CA ASP B 581 -71.76 6.40 -14.60
C ASP B 581 -70.97 5.23 -14.04
N VAL B 582 -70.56 4.34 -14.94
CA VAL B 582 -69.64 3.25 -14.64
C VAL B 582 -68.59 3.29 -15.75
N ARG B 583 -67.55 4.09 -15.57
CA ARG B 583 -66.57 4.27 -16.62
C ARG B 583 -65.50 3.20 -16.53
N ILE B 584 -64.99 2.80 -17.69
CA ILE B 584 -63.89 1.85 -17.78
C ILE B 584 -62.60 2.64 -17.93
N LEU B 585 -61.49 2.02 -17.53
CA LEU B 585 -60.18 2.63 -17.64
C LEU B 585 -59.30 1.78 -18.54
N ASN B 586 -58.11 2.30 -18.82
CA ASN B 586 -57.11 1.56 -19.60
C ASN B 586 -56.40 0.48 -18.80
N THR B 587 -56.87 0.17 -17.60
CA THR B 587 -56.26 -0.88 -16.79
C THR B 587 -56.22 -2.20 -17.56
N PRO B 588 -55.07 -2.85 -17.65
CA PRO B 588 -54.93 -4.00 -18.55
C PRO B 588 -55.81 -5.17 -18.16
N THR B 589 -56.12 -6.01 -19.14
CA THR B 589 -56.95 -7.17 -18.92
C THR B 589 -56.06 -8.37 -18.56
N ARG B 590 -56.71 -9.46 -18.13
CA ARG B 590 -55.95 -10.56 -17.53
C ARG B 590 -54.94 -11.17 -18.49
N GLU B 591 -55.12 -10.98 -19.79
CA GLU B 591 -54.11 -11.47 -20.73
C GLU B 591 -52.83 -10.69 -20.57
N VAL B 592 -52.92 -9.36 -20.60
CA VAL B 592 -51.72 -8.54 -20.48
C VAL B 592 -51.03 -8.81 -19.15
N ILE B 593 -51.80 -8.81 -18.06
CA ILE B 593 -51.19 -9.05 -16.75
C ILE B 593 -50.48 -10.39 -16.74
N GLU B 594 -51.06 -11.41 -17.35
CA GLU B 594 -50.42 -12.71 -17.34
C GLU B 594 -49.48 -12.91 -18.53
N GLY B 595 -49.61 -12.13 -19.59
CA GLY B 595 -48.80 -12.32 -20.77
C GLY B 595 -47.52 -11.50 -20.76
N ASN B 596 -46.55 -11.96 -21.56
CA ASN B 596 -45.22 -11.40 -21.57
C ASN B 596 -45.22 -9.98 -22.10
N VAL B 597 -44.19 -9.22 -21.71
CA VAL B 597 -43.94 -7.89 -22.26
C VAL B 597 -42.60 -7.92 -23.00
N VAL B 598 -42.52 -7.18 -24.09
CA VAL B 598 -41.27 -7.00 -24.81
C VAL B 598 -40.79 -5.58 -24.57
N THR B 599 -39.48 -5.42 -24.61
CA THR B 599 -38.84 -4.16 -24.32
C THR B 599 -37.83 -3.85 -25.42
N ARG B 600 -37.62 -2.55 -25.62
CA ARG B 600 -36.82 -2.09 -26.73
C ARG B 600 -36.29 -0.71 -26.42
N CYS B 601 -35.09 -0.42 -26.90
CA CYS B 601 -34.40 0.83 -26.63
C CYS B 601 -34.42 1.70 -27.89
N ASP B 602 -34.54 3.00 -27.71
CA ASP B 602 -34.68 3.93 -28.82
C ASP B 602 -33.59 5.00 -28.68
N GLY B 603 -32.37 4.64 -29.03
CA GLY B 603 -31.27 5.58 -29.04
C GLY B 603 -30.92 6.09 -27.66
N ILE B 604 -29.88 6.93 -27.62
CA ILE B 604 -29.42 7.55 -26.39
C ILE B 604 -29.07 9.01 -26.65
N ARG B 605 -29.98 9.91 -26.31
CA ARG B 605 -29.65 11.32 -26.38
C ARG B 605 -28.66 11.69 -25.28
N CYS B 606 -28.01 12.84 -25.47
CA CYS B 606 -27.21 13.46 -24.42
C CYS B 606 -27.85 14.80 -24.08
N LEU B 607 -28.19 14.98 -22.81
CA LEU B 607 -28.93 16.15 -22.35
C LEU B 607 -28.18 16.82 -21.22
N ASP B 608 -28.58 18.04 -20.91
CA ASP B 608 -27.94 18.83 -19.87
C ASP B 608 -28.58 18.50 -18.52
N SER B 609 -28.35 19.35 -17.53
CA SER B 609 -28.86 19.11 -16.18
C SER B 609 -30.27 19.67 -16.06
N ASN B 610 -31.25 18.79 -16.00
CA ASN B 610 -32.62 19.20 -15.75
C ASN B 610 -32.81 19.31 -14.24
N LYS B 611 -34.05 19.53 -13.80
CA LYS B 611 -34.34 19.55 -12.38
C LYS B 611 -35.11 18.34 -11.90
N ARG B 612 -35.99 17.78 -12.74
CA ARG B 612 -36.83 16.66 -12.31
C ARG B 612 -35.99 15.43 -12.01
N ILE B 613 -34.79 15.33 -12.57
CA ILE B 613 -34.02 14.11 -12.44
C ILE B 613 -33.28 14.05 -11.11
N GLN B 614 -32.97 15.19 -10.50
CA GLN B 614 -32.21 15.18 -9.26
C GLN B 614 -33.03 14.67 -8.09
N HIS B 615 -34.36 14.72 -8.19
CA HIS B 615 -35.24 14.30 -7.11
C HIS B 615 -34.92 12.91 -6.59
N VAL B 616 -34.45 12.83 -5.34
CA VAL B 616 -34.07 11.56 -4.74
C VAL B 616 -35.32 10.89 -4.17
N PRO B 617 -35.44 9.57 -4.31
CA PRO B 617 -36.58 8.87 -3.72
C PRO B 617 -36.42 8.74 -2.22
N GLU B 618 -37.55 8.80 -1.52
CA GLU B 618 -37.56 8.66 -0.07
C GLU B 618 -37.93 7.21 0.24
N VAL B 619 -36.93 6.36 0.27
CA VAL B 619 -37.15 4.93 0.50
C VAL B 619 -36.99 4.64 1.99
N ALA B 620 -37.78 3.67 2.47
CA ALA B 620 -37.75 3.30 3.87
C ALA B 620 -36.53 2.43 4.14
N ARG B 621 -35.63 2.92 4.99
CA ARG B 621 -34.38 2.24 5.30
C ARG B 621 -34.21 2.20 6.82
N ARG B 622 -35.10 1.46 7.48
CA ARG B 622 -35.02 1.30 8.92
C ARG B 622 -35.29 -0.16 9.25
N TYR B 623 -34.81 -0.58 10.41
CA TYR B 623 -34.89 -1.99 10.78
C TYR B 623 -36.34 -2.44 10.86
N CYS B 624 -36.77 -3.21 9.87
CA CYS B 624 -38.16 -3.64 9.77
C CYS B 624 -38.27 -5.10 10.18
N MET B 625 -39.52 -5.53 10.36
CA MET B 625 -39.77 -6.92 10.71
C MET B 625 -39.25 -7.87 9.64
N MET B 626 -39.18 -7.40 8.38
CA MET B 626 -38.57 -8.23 7.35
C MET B 626 -37.09 -8.41 7.58
N ALA B 627 -36.42 -7.40 8.15
CA ALA B 627 -35.02 -7.57 8.51
C ALA B 627 -34.85 -8.62 9.59
N ARG B 628 -35.86 -8.79 10.44
CA ARG B 628 -35.74 -9.72 11.55
C ARG B 628 -35.66 -11.15 11.03
N TYR B 629 -36.35 -11.46 9.94
CA TYR B 629 -36.23 -12.79 9.35
C TYR B 629 -34.82 -13.05 8.87
N LEU B 630 -34.19 -12.05 8.25
CA LEU B 630 -32.83 -12.25 7.75
C LEU B 630 -31.85 -12.42 8.90
N ALA B 631 -32.00 -11.61 9.95
CA ALA B 631 -31.14 -11.75 11.11
C ALA B 631 -31.31 -13.11 11.77
N GLN B 632 -32.57 -13.48 12.04
CA GLN B 632 -32.92 -14.77 12.60
C GLN B 632 -32.50 -15.94 11.73
N ALA B 633 -32.38 -15.76 10.43
CA ALA B 633 -31.89 -16.83 9.58
C ALA B 633 -30.38 -16.92 9.56
N ARG B 634 -29.70 -15.79 9.73
CA ARG B 634 -28.25 -15.81 9.80
C ARG B 634 -27.78 -16.38 11.13
N THR B 635 -28.32 -15.85 12.22
CA THR B 635 -27.87 -16.23 13.55
C THR B 635 -28.17 -17.68 13.86
N PHE B 636 -29.41 -18.12 13.60
CA PHE B 636 -29.83 -19.45 14.02
C PHE B 636 -29.83 -20.48 12.90
N GLY B 637 -30.40 -20.14 11.76
CA GLY B 637 -30.39 -21.06 10.64
C GLY B 637 -31.38 -20.67 9.59
N ALA B 638 -31.11 -21.10 8.36
CA ALA B 638 -32.00 -20.79 7.26
C ALA B 638 -33.30 -21.56 7.35
N LEU B 639 -33.34 -22.66 8.08
CA LEU B 639 -34.57 -23.42 8.22
C LEU B 639 -35.58 -22.72 9.10
N THR B 640 -35.26 -21.52 9.57
CA THR B 640 -36.13 -20.76 10.45
C THR B 640 -37.05 -19.81 9.68
N ILE B 641 -36.94 -19.77 8.36
CA ILE B 641 -37.83 -18.95 7.56
C ILE B 641 -38.28 -19.73 6.34
N GLY B 642 -39.16 -20.71 6.55
CA GLY B 642 -39.58 -21.56 5.45
C GLY B 642 -40.95 -21.22 4.90
N ASP B 643 -41.94 -22.01 5.27
CA ASP B 643 -43.33 -21.74 4.92
C ASP B 643 -44.10 -21.06 6.04
N ASP B 644 -43.46 -20.80 7.17
CA ASP B 644 -44.14 -20.20 8.31
C ASP B 644 -44.13 -18.67 8.28
N ILE B 645 -43.54 -18.05 7.26
CA ILE B 645 -43.62 -16.60 7.15
C ILE B 645 -45.04 -16.16 6.82
N ILE B 646 -45.75 -16.94 6.02
CA ILE B 646 -47.12 -16.61 5.66
C ILE B 646 -48.03 -16.99 6.82
N ARG B 647 -48.80 -16.02 7.29
CA ARG B 647 -49.67 -16.19 8.45
C ARG B 647 -51.14 -16.20 8.03
N GLY B 648 -51.80 -17.32 8.22
CA GLY B 648 -53.21 -17.39 7.89
C GLY B 648 -53.47 -17.66 6.43
N PHE B 649 -52.73 -18.59 5.85
CA PHE B 649 -52.87 -18.98 4.44
C PHE B 649 -52.98 -17.77 3.51
#